data_5MOK
#
_entry.id   5MOK
#
_cell.length_a   66.478
_cell.length_b   100.357
_cell.length_c   77.856
_cell.angle_alpha   90.00
_cell.angle_beta   97.35
_cell.angle_gamma   90.00
#
_symmetry.space_group_name_H-M   'P 1 21 1'
#
loop_
_entity.id
_entity.type
_entity.pdbx_description
1 polymer 'Ig epsilon chain C region'
2 branched alpha-D-mannopyranose-(1-6)-beta-D-mannopyranose-(1-4)-2-acetamido-2-deoxy-beta-D-glucopyranose-(1-4)-2-acetamido-2-deoxy-beta-D-glucopyranose
3 branched alpha-D-mannopyranose-(1-3)-[alpha-D-mannopyranose-(1-6)]alpha-D-mannopyranose-(1-6)-[alpha-D-mannopyranose-(1-3)]beta-D-mannopyranose-(1-4)-2-acetamido-2-deoxy-beta-D-glucopyranose-(1-4)-2-acetamido-2-deoxy-beta-D-glucopyranose
4 branched alpha-D-mannopyranose-(1-3)-[alpha-D-mannopyranose-(1-6)]beta-D-mannopyranose-(1-4)-2-acetamido-2-deoxy-beta-D-glucopyranose
5 non-polymer DI(HYDROXYETHYL)ETHER
6 non-polymer 1,2-ETHANEDIOL
7 water water
#
_entity_poly.entity_id   1
_entity_poly.type   'polypeptide(L)'
_entity_poly.pdbx_seq_one_letter_code
;ADPCADSNPRGVSAYLSRPSPFDLFIRKSPTITCLVVDLAPSKGTVQLTWSRASGKPVQHSTRKEEKQRNGTLTVTSTLP
VGTRDWIEGETYQCRVTHPHLPRALMRSTTKTSGPRAAPEVYAFATPEWPGSRDKRTLACLIQNFMPEDISVQWLHNEVQ
LPDARHSTTQPRKTKGSGFFVFSRLEVTRAEWEQKDEFICRAVHEAASPSQTVQRAVSVNPGK
;
_entity_poly.pdbx_strand_id   A,B,C,D
#
# COMPACT_ATOMS: atom_id res chain seq x y z
N VAL A 12 -14.43 -12.76 -20.96
CA VAL A 12 -13.05 -12.40 -20.62
C VAL A 12 -12.67 -11.08 -21.28
N SER A 13 -12.27 -10.11 -20.46
CA SER A 13 -11.89 -8.79 -20.94
C SER A 13 -10.57 -8.37 -20.31
N ALA A 14 -9.81 -7.55 -21.03
CA ALA A 14 -8.50 -7.11 -20.58
C ALA A 14 -8.38 -5.59 -20.72
N TYR A 15 -7.66 -4.99 -19.78
CA TYR A 15 -7.46 -3.55 -19.77
C TYR A 15 -5.99 -3.25 -19.50
N LEU A 16 -5.50 -2.17 -20.09
CA LEU A 16 -4.14 -1.71 -19.89
C LEU A 16 -4.17 -0.22 -19.57
N SER A 17 -3.59 0.15 -18.43
CA SER A 17 -3.67 1.51 -17.93
C SER A 17 -2.38 2.27 -18.20
N ARG A 18 -2.50 3.60 -18.21
CA ARG A 18 -1.37 4.51 -18.30
C ARG A 18 -0.82 4.80 -16.91
N PRO A 19 0.43 5.26 -16.82
CA PRO A 19 0.99 5.60 -15.51
C PRO A 19 0.18 6.69 -14.82
N SER A 20 0.11 6.62 -13.50
CA SER A 20 -0.51 7.69 -12.75
C SER A 20 0.38 8.92 -12.81
N PRO A 21 -0.20 10.11 -12.95
CA PRO A 21 0.64 11.33 -12.95
C PRO A 21 1.50 11.47 -11.71
N PHE A 22 1.04 11.01 -10.55
CA PHE A 22 1.87 11.07 -9.35
C PHE A 22 3.12 10.21 -9.49
N ASP A 23 2.95 8.96 -9.94
CA ASP A 23 4.10 8.08 -10.13
C ASP A 23 5.03 8.62 -11.21
N LEU A 24 4.48 9.24 -12.26
CA LEU A 24 5.30 9.62 -13.41
C LEU A 24 6.13 10.86 -13.12
N PHE A 25 5.49 11.91 -12.60
CA PHE A 25 6.16 13.21 -12.47
C PHE A 25 6.79 13.43 -11.10
N ILE A 26 6.12 13.01 -10.03
CA ILE A 26 6.61 13.27 -8.69
C ILE A 26 7.55 12.14 -8.26
N ARG A 27 7.02 10.92 -8.16
CA ARG A 27 7.82 9.79 -7.72
C ARG A 27 8.85 9.38 -8.77
N LYS A 28 8.61 9.70 -10.04
CA LYS A 28 9.50 9.36 -11.15
C LYS A 28 9.76 7.85 -11.21
N SER A 29 8.72 7.07 -10.91
CA SER A 29 8.75 5.61 -11.05
C SER A 29 7.42 5.16 -11.64
N PRO A 30 7.18 5.46 -12.91
CA PRO A 30 5.89 5.08 -13.52
C PRO A 30 5.77 3.59 -13.73
N THR A 31 4.54 3.10 -13.62
CA THR A 31 4.20 1.72 -13.92
C THR A 31 2.92 1.69 -14.72
N ILE A 32 2.72 0.61 -15.47
CA ILE A 32 1.48 0.35 -16.18
C ILE A 32 0.99 -1.03 -15.76
N THR A 33 -0.33 -1.22 -15.87
CA THR A 33 -0.98 -2.40 -15.31
C THR A 33 -1.86 -3.05 -16.37
N CYS A 34 -1.63 -4.34 -16.61
CA CYS A 34 -2.48 -5.16 -17.46
C CYS A 34 -3.44 -5.91 -16.56
N LEU A 35 -4.73 -5.56 -16.64
CA LEU A 35 -5.77 -6.14 -15.80
C LEU A 35 -6.61 -7.09 -16.65
N VAL A 36 -6.62 -8.37 -16.29
CA VAL A 36 -7.32 -9.40 -17.05
C VAL A 36 -8.41 -9.99 -16.18
N VAL A 37 -9.65 -9.94 -16.66
CA VAL A 37 -10.81 -10.49 -15.97
C VAL A 37 -11.25 -11.75 -16.71
N ASP A 38 -11.19 -12.89 -16.03
CA ASP A 38 -11.51 -14.18 -16.61
C ASP A 38 -12.83 -14.68 -16.05
N LEU A 39 -13.74 -15.10 -16.95
CA LEU A 39 -15.12 -15.35 -16.56
C LEU A 39 -15.31 -16.75 -15.97
N ALA A 40 -14.78 -17.77 -16.63
CA ALA A 40 -15.14 -19.15 -16.28
C ALA A 40 -14.73 -19.53 -14.84
N PRO A 41 -13.43 -19.48 -14.49
CA PRO A 41 -12.16 -19.34 -15.21
C PRO A 41 -11.65 -20.71 -15.66
N SER A 42 -11.18 -20.80 -16.91
CA SER A 42 -10.74 -22.08 -17.44
C SER A 42 -9.54 -22.62 -16.67
N LYS A 43 -9.50 -23.94 -16.54
CA LYS A 43 -8.38 -24.57 -15.86
C LYS A 43 -7.07 -24.30 -16.60
N GLY A 44 -6.04 -23.97 -15.84
CA GLY A 44 -4.77 -23.53 -16.39
C GLY A 44 -4.44 -22.11 -15.97
N THR A 45 -3.18 -21.74 -16.23
CA THR A 45 -2.65 -20.45 -15.82
C THR A 45 -2.59 -19.50 -17.00
N VAL A 46 -3.18 -18.33 -16.84
CA VAL A 46 -3.12 -17.30 -17.88
C VAL A 46 -1.71 -16.72 -17.94
N GLN A 47 -1.26 -16.39 -19.14
CA GLN A 47 0.05 -15.79 -19.35
C GLN A 47 -0.12 -14.34 -19.82
N LEU A 48 0.54 -13.42 -19.13
CA LEU A 48 0.62 -12.03 -19.54
C LEU A 48 2.06 -11.72 -19.93
N THR A 49 2.27 -11.42 -21.21
CA THR A 49 3.61 -11.22 -21.76
C THR A 49 3.77 -9.77 -22.20
N TRP A 50 4.84 -9.14 -21.74
CA TRP A 50 5.10 -7.72 -21.99
C TRP A 50 6.11 -7.55 -23.12
N SER A 51 5.91 -6.48 -23.90
CA SER A 51 6.86 -6.12 -24.94
C SER A 51 6.76 -4.62 -25.19
N ARG A 52 7.78 -4.08 -25.85
CA ARG A 52 7.79 -2.71 -26.33
C ARG A 52 7.73 -2.72 -27.85
N ALA A 53 7.04 -1.74 -28.43
CA ALA A 53 6.93 -1.66 -29.88
C ALA A 53 8.30 -1.56 -30.54
N SER A 54 9.26 -0.94 -29.86
CA SER A 54 10.62 -0.82 -30.37
C SER A 54 11.39 -2.13 -30.34
N GLY A 55 10.89 -3.15 -29.62
CA GLY A 55 11.63 -4.37 -29.42
C GLY A 55 12.71 -4.31 -28.37
N LYS A 56 12.84 -3.18 -27.67
CA LYS A 56 13.87 -2.98 -26.66
C LYS A 56 13.46 -3.69 -25.36
N PRO A 57 14.41 -3.86 -24.43
CA PRO A 57 14.12 -4.70 -23.25
C PRO A 57 13.08 -4.09 -22.33
N VAL A 58 12.40 -4.97 -21.59
CA VAL A 58 11.44 -4.58 -20.56
C VAL A 58 11.94 -5.09 -19.22
N GLN A 59 11.44 -4.45 -18.15
CA GLN A 59 11.83 -4.83 -16.81
C GLN A 59 10.97 -5.99 -16.32
N HIS A 60 11.34 -6.54 -15.15
CA HIS A 60 10.56 -7.59 -14.54
C HIS A 60 9.23 -7.03 -14.02
N SER A 61 8.16 -7.79 -14.22
CA SER A 61 6.83 -7.39 -13.83
C SER A 61 6.34 -8.19 -12.62
N THR A 62 5.38 -7.62 -11.91
CA THR A 62 4.73 -8.27 -10.77
C THR A 62 3.36 -8.79 -11.18
N ARG A 63 3.05 -10.01 -10.75
CA ARG A 63 1.81 -10.68 -11.12
C ARG A 63 0.99 -10.96 -9.89
N LYS A 64 -0.32 -10.71 -9.97
CA LYS A 64 -1.24 -10.90 -8.85
C LYS A 64 -2.56 -11.45 -9.34
N GLU A 65 -3.12 -12.41 -8.61
CA GLU A 65 -4.41 -12.98 -8.98
C GLU A 65 -5.17 -13.42 -7.74
N GLU A 66 -6.49 -13.28 -7.79
CA GLU A 66 -7.35 -13.67 -6.69
C GLU A 66 -8.74 -13.98 -7.22
N LYS A 67 -9.35 -15.04 -6.66
CA LYS A 67 -10.71 -15.41 -7.04
C LYS A 67 -11.71 -14.51 -6.32
N GLN A 68 -12.63 -13.92 -7.09
CA GLN A 68 -13.60 -12.99 -6.55
C GLN A 68 -14.77 -13.74 -5.90
N ARG A 69 -15.61 -12.98 -5.20
CA ARG A 69 -16.74 -13.57 -4.51
C ARG A 69 -17.72 -14.20 -5.50
N ASN A 70 -17.92 -13.56 -6.64
CA ASN A 70 -18.84 -14.05 -7.66
C ASN A 70 -18.25 -15.17 -8.53
N GLY A 71 -17.06 -15.68 -8.21
CA GLY A 71 -16.45 -16.76 -8.94
C GLY A 71 -15.43 -16.36 -9.98
N THR A 72 -15.24 -15.07 -10.22
CA THR A 72 -14.32 -14.60 -11.24
C THR A 72 -12.87 -14.69 -10.78
N LEU A 73 -11.98 -15.07 -11.70
CA LEU A 73 -10.55 -14.95 -11.50
C LEU A 73 -10.08 -13.65 -12.10
N THR A 74 -9.47 -12.80 -11.28
CA THR A 74 -8.90 -11.53 -11.72
C THR A 74 -7.38 -11.63 -11.70
N VAL A 75 -6.75 -11.30 -12.82
CA VAL A 75 -5.31 -11.38 -12.98
C VAL A 75 -4.77 -9.98 -13.26
N THR A 76 -3.64 -9.64 -12.63
CA THR A 76 -3.02 -8.33 -12.77
C THR A 76 -1.52 -8.51 -12.99
N SER A 77 -0.97 -7.74 -13.94
CA SER A 77 0.47 -7.65 -14.12
C SER A 77 0.85 -6.18 -14.17
N THR A 78 1.83 -5.80 -13.35
CA THR A 78 2.29 -4.42 -13.25
C THR A 78 3.74 -4.36 -13.73
N LEU A 79 4.01 -3.48 -14.70
CA LEU A 79 5.31 -3.38 -15.33
C LEU A 79 5.93 -2.03 -15.06
N PRO A 80 7.11 -1.95 -14.46
CA PRO A 80 7.81 -0.66 -14.37
C PRO A 80 8.33 -0.26 -15.74
N VAL A 81 8.18 1.02 -16.06
CA VAL A 81 8.65 1.55 -17.35
C VAL A 81 9.60 2.70 -17.08
N GLY A 82 10.47 2.94 -18.05
CA GLY A 82 11.39 4.07 -17.94
C GLY A 82 10.66 5.40 -18.05
N THR A 83 11.15 6.38 -17.30
CA THR A 83 10.51 7.69 -17.30
C THR A 83 10.68 8.38 -18.64
N ARG A 84 11.92 8.42 -19.16
CA ARG A 84 12.15 9.04 -20.46
C ARG A 84 11.53 8.22 -21.58
N ASP A 85 11.55 6.89 -21.46
CA ASP A 85 10.95 6.03 -22.49
C ASP A 85 9.46 6.35 -22.67
N TRP A 86 8.73 6.47 -21.56
CA TRP A 86 7.29 6.70 -21.66
C TRP A 86 6.98 8.08 -22.21
N ILE A 87 7.65 9.11 -21.69
CA ILE A 87 7.34 10.48 -22.09
C ILE A 87 7.66 10.70 -23.56
N GLU A 88 8.70 10.04 -24.08
CA GLU A 88 9.11 10.21 -25.46
C GLU A 88 8.30 9.35 -26.44
N GLY A 89 7.28 8.65 -25.97
CA GLY A 89 6.32 8.02 -26.85
C GLY A 89 6.49 6.54 -27.11
N GLU A 90 7.13 5.80 -26.21
CA GLU A 90 7.20 4.36 -26.38
C GLU A 90 5.79 3.75 -26.24
N THR A 91 5.56 2.66 -26.96
CA THR A 91 4.33 1.90 -26.86
C THR A 91 4.61 0.58 -26.19
N TYR A 92 3.86 0.29 -25.12
CA TYR A 92 4.02 -0.94 -24.37
C TYR A 92 2.83 -1.85 -24.64
N GLN A 93 3.09 -3.16 -24.69
CA GLN A 93 2.12 -4.12 -25.17
C GLN A 93 1.98 -5.26 -24.18
N CYS A 94 0.73 -5.67 -23.94
CA CYS A 94 0.40 -6.79 -23.06
C CYS A 94 -0.34 -7.83 -23.87
N ARG A 95 0.17 -9.06 -23.87
CA ARG A 95 -0.42 -10.17 -24.60
C ARG A 95 -0.99 -11.19 -23.61
N VAL A 96 -2.26 -11.51 -23.77
CA VAL A 96 -2.97 -12.43 -22.88
C VAL A 96 -3.10 -13.78 -23.58
N THR A 97 -2.62 -14.83 -22.93
CA THR A 97 -2.64 -16.19 -23.46
C THR A 97 -3.43 -17.09 -22.53
N HIS A 98 -4.45 -17.77 -23.06
CA HIS A 98 -5.26 -18.72 -22.31
C HIS A 98 -5.60 -19.88 -23.25
N PRO A 99 -5.34 -21.12 -22.85
CA PRO A 99 -5.60 -22.26 -23.76
C PRO A 99 -7.06 -22.42 -24.12
N HIS A 100 -7.97 -22.25 -23.16
CA HIS A 100 -9.39 -22.39 -23.44
C HIS A 100 -10.02 -21.03 -23.73
N ALA A 104 -6.32 -15.16 -28.40
CA ALA A 104 -5.24 -14.29 -27.95
C ALA A 104 -5.66 -12.83 -27.93
N LEU A 105 -5.55 -12.20 -26.76
CA LEU A 105 -5.91 -10.80 -26.58
C LEU A 105 -4.65 -9.95 -26.55
N MET A 106 -4.71 -8.80 -27.20
CA MET A 106 -3.59 -7.89 -27.29
CA MET A 106 -3.59 -7.89 -27.29
C MET A 106 -4.04 -6.49 -26.91
N ARG A 107 -3.32 -5.87 -25.97
CA ARG A 107 -3.58 -4.51 -25.53
C ARG A 107 -2.28 -3.72 -25.56
N SER A 108 -2.39 -2.43 -25.84
CA SER A 108 -1.22 -1.56 -25.91
C SER A 108 -1.55 -0.21 -25.29
N THR A 109 -0.51 0.49 -24.88
CA THR A 109 -0.69 1.81 -24.27
C THR A 109 0.48 2.70 -24.64
N THR A 110 0.18 3.97 -24.88
CA THR A 110 1.16 4.99 -25.17
C THR A 110 0.57 6.30 -24.68
N LYS A 111 1.42 7.31 -24.52
CA LYS A 111 0.93 8.57 -23.98
C LYS A 111 -0.01 9.24 -24.98
N THR A 112 -1.05 9.88 -24.46
CA THR A 112 -2.07 10.45 -25.33
C THR A 112 -1.52 11.67 -26.07
N SER A 113 -2.14 11.96 -27.21
CA SER A 113 -1.84 13.14 -28.00
C SER A 113 -3.07 14.03 -28.04
N GLY A 114 -2.84 15.34 -28.11
CA GLY A 114 -3.92 16.29 -28.16
C GLY A 114 -3.69 17.49 -27.27
N PRO A 115 -4.66 18.40 -27.22
CA PRO A 115 -4.49 19.63 -26.45
C PRO A 115 -4.36 19.34 -24.96
N ARG A 116 -3.60 20.20 -24.28
CA ARG A 116 -3.37 20.12 -22.85
C ARG A 116 -3.94 21.35 -22.17
N ALA A 117 -4.46 21.15 -20.95
CA ALA A 117 -5.03 22.24 -20.17
C ALA A 117 -4.88 21.92 -18.69
N ALA A 118 -4.42 22.91 -17.92
CA ALA A 118 -4.19 22.72 -16.50
C ALA A 118 -5.51 22.65 -15.74
N PRO A 119 -5.52 22.01 -14.57
CA PRO A 119 -6.76 21.93 -13.78
C PRO A 119 -6.97 23.13 -12.87
N GLU A 120 -8.24 23.54 -12.77
CA GLU A 120 -8.67 24.41 -11.69
C GLU A 120 -8.94 23.55 -10.45
N VAL A 121 -8.62 24.07 -9.27
CA VAL A 121 -8.79 23.33 -8.02
C VAL A 121 -9.51 24.22 -7.01
N TYR A 122 -10.51 23.66 -6.34
CA TYR A 122 -11.25 24.35 -5.29
C TYR A 122 -11.52 23.39 -4.15
N ALA A 123 -11.35 23.85 -2.92
CA ALA A 123 -11.54 23.02 -1.73
C ALA A 123 -12.61 23.63 -0.83
N PHE A 124 -13.45 22.76 -0.26
CA PHE A 124 -14.58 23.19 0.55
C PHE A 124 -14.69 22.34 1.80
N ALA A 125 -15.33 22.90 2.83
CA ALA A 125 -15.64 22.19 4.06
C ALA A 125 -17.12 22.37 4.38
N THR A 126 -17.78 21.28 4.79
CA THR A 126 -19.19 21.38 5.13
C THR A 126 -19.37 22.03 6.50
N PRO A 127 -20.48 22.72 6.71
CA PRO A 127 -20.83 23.15 8.07
C PRO A 127 -21.20 21.94 8.92
N GLU A 128 -21.37 22.17 10.22
CA GLU A 128 -21.69 21.08 11.12
C GLU A 128 -23.08 20.53 10.85
N TRP A 129 -23.20 19.20 10.82
CA TRP A 129 -24.52 18.59 10.75
C TRP A 129 -25.03 18.32 12.15
N PRO A 130 -26.28 18.67 12.46
CA PRO A 130 -26.79 18.49 13.83
C PRO A 130 -26.63 17.07 14.35
N GLY A 131 -25.93 16.92 15.47
CA GLY A 131 -25.70 15.63 16.07
C GLY A 131 -24.40 14.95 15.68
N SER A 132 -23.62 15.56 14.79
CA SER A 132 -22.33 15.00 14.35
C SER A 132 -21.25 16.05 14.60
N ARG A 133 -20.98 16.34 15.87
CA ARG A 133 -20.04 17.40 16.20
C ARG A 133 -18.60 16.99 15.93
N ASP A 134 -18.30 15.69 16.00
CA ASP A 134 -16.94 15.20 15.92
C ASP A 134 -16.49 14.87 14.50
N LYS A 135 -17.17 15.37 13.48
CA LYS A 135 -16.72 15.11 12.12
C LYS A 135 -17.24 16.17 11.17
N ARG A 136 -16.48 16.36 10.09
CA ARG A 136 -16.91 17.18 8.95
C ARG A 136 -16.50 16.46 7.68
N THR A 137 -17.08 16.89 6.56
CA THR A 137 -16.73 16.38 5.24
C THR A 137 -16.04 17.47 4.44
N LEU A 138 -14.87 17.16 3.91
CA LEU A 138 -14.15 18.07 3.03
C LEU A 138 -14.36 17.63 1.59
N ALA A 139 -14.45 18.60 0.69
CA ALA A 139 -14.68 18.32 -0.73
C ALA A 139 -13.73 19.14 -1.58
N CYS A 140 -13.34 18.56 -2.72
CA CYS A 140 -12.43 19.20 -3.66
C CYS A 140 -12.99 19.06 -5.06
N LEU A 141 -13.10 20.18 -5.76
CA LEU A 141 -13.52 20.20 -7.16
C LEU A 141 -12.31 20.52 -8.02
N ILE A 142 -12.04 19.66 -8.99
CA ILE A 142 -10.90 19.78 -9.89
C ILE A 142 -11.46 19.69 -11.30
N GLN A 143 -11.38 20.77 -12.07
CA GLN A 143 -12.12 20.84 -13.32
C GLN A 143 -11.33 21.53 -14.42
N ASN A 144 -11.79 21.32 -15.66
CA ASN A 144 -11.30 21.99 -16.87
C ASN A 144 -9.86 21.61 -17.21
N PHE A 145 -9.47 20.37 -16.96
CA PHE A 145 -8.14 19.88 -17.34
C PHE A 145 -8.25 18.95 -18.53
N MET A 146 -7.13 18.82 -19.25
CA MET A 146 -7.01 17.97 -20.44
C MET A 146 -5.60 17.43 -20.59
N PRO A 147 -5.44 16.11 -20.82
CA PRO A 147 -6.49 15.09 -20.87
C PRO A 147 -6.96 14.65 -19.49
N GLU A 148 -7.64 13.51 -19.40
CA GLU A 148 -8.31 13.13 -18.17
C GLU A 148 -7.38 12.49 -17.14
N ASP A 149 -6.16 12.13 -17.52
CA ASP A 149 -5.22 11.51 -16.57
C ASP A 149 -4.86 12.51 -15.48
N ILE A 150 -5.17 12.16 -14.23
CA ILE A 150 -4.93 13.08 -13.12
C ILE A 150 -4.82 12.28 -11.82
N SER A 151 -3.99 12.76 -10.91
CA SER A 151 -3.85 12.19 -9.57
C SER A 151 -4.31 13.21 -8.53
N VAL A 152 -5.06 12.74 -7.54
CA VAL A 152 -5.59 13.60 -6.48
C VAL A 152 -5.14 13.04 -5.14
N GLN A 153 -4.59 13.90 -4.29
CA GLN A 153 -4.12 13.50 -2.97
C GLN A 153 -4.61 14.51 -1.93
N TRP A 154 -4.70 14.04 -0.69
CA TRP A 154 -5.03 14.88 0.46
C TRP A 154 -3.88 14.85 1.44
N LEU A 155 -3.50 16.02 1.95
CA LEU A 155 -2.37 16.15 2.87
C LEU A 155 -2.82 16.83 4.15
N HIS A 156 -2.26 16.37 5.27
CA HIS A 156 -2.45 16.97 6.58
C HIS A 156 -1.09 17.00 7.25
N ASN A 157 -0.73 18.15 7.84
CA ASN A 157 0.59 18.35 8.44
C ASN A 157 1.69 18.14 7.41
N GLU A 158 1.46 18.62 6.19
CA GLU A 158 2.39 18.47 5.08
C GLU A 158 2.75 17.01 4.82
N VAL A 159 1.83 16.11 5.16
CA VAL A 159 2.02 14.66 5.01
C VAL A 159 0.82 14.10 4.29
N GLN A 160 1.07 13.30 3.26
CA GLN A 160 -0.02 12.69 2.50
C GLN A 160 -0.76 11.67 3.37
N LEU A 161 -2.09 11.74 3.37
CA LEU A 161 -2.91 10.78 4.07
C LEU A 161 -3.05 9.51 3.24
N PRO A 162 -3.40 8.38 3.87
CA PRO A 162 -3.61 7.15 3.11
C PRO A 162 -4.68 7.32 2.05
N ASP A 163 -4.51 6.58 0.94
CA ASP A 163 -5.43 6.72 -0.19
C ASP A 163 -6.84 6.30 0.18
N ALA A 164 -6.99 5.31 1.06
CA ALA A 164 -8.33 4.84 1.40
C ALA A 164 -9.10 5.83 2.27
N ARG A 165 -8.48 6.92 2.72
CA ARG A 165 -9.21 7.92 3.49
C ARG A 165 -10.16 8.74 2.62
N HIS A 166 -9.94 8.79 1.30
CA HIS A 166 -10.74 9.62 0.43
C HIS A 166 -11.29 8.80 -0.73
N SER A 167 -12.25 9.39 -1.44
CA SER A 167 -12.84 8.80 -2.63
CA SER A 167 -12.85 8.80 -2.62
C SER A 167 -12.95 9.86 -3.71
N THR A 168 -12.44 9.55 -4.89
CA THR A 168 -12.41 10.48 -6.01
C THR A 168 -13.26 9.92 -7.15
N THR A 169 -14.11 10.77 -7.72
CA THR A 169 -15.01 10.31 -8.76
C THR A 169 -14.26 10.12 -10.08
N GLN A 170 -14.97 9.55 -11.05
CA GLN A 170 -14.41 9.34 -12.38
C GLN A 170 -14.46 10.64 -13.18
N PRO A 171 -13.49 10.87 -14.05
CA PRO A 171 -13.52 12.08 -14.89
C PRO A 171 -14.73 12.10 -15.81
N ARG A 172 -15.59 13.09 -15.60
CA ARG A 172 -16.71 13.39 -16.49
C ARG A 172 -16.39 14.63 -17.31
N LYS A 173 -17.03 14.74 -18.47
CA LYS A 173 -16.80 15.88 -19.33
C LYS A 173 -17.49 17.13 -18.79
N THR A 174 -16.81 18.26 -18.91
CA THR A 174 -17.42 19.55 -18.57
C THR A 174 -18.32 19.99 -19.72
N LYS A 175 -18.73 21.26 -19.69
CA LYS A 175 -19.57 21.79 -20.76
C LYS A 175 -18.82 21.76 -22.09
N GLY A 176 -17.52 22.04 -22.06
CA GLY A 176 -16.71 22.03 -23.26
C GLY A 176 -15.82 20.81 -23.38
N SER A 177 -14.52 21.05 -23.57
CA SER A 177 -13.57 19.96 -23.81
C SER A 177 -13.02 19.35 -22.52
N GLY A 178 -12.98 20.12 -21.44
CA GLY A 178 -12.31 19.67 -20.23
C GLY A 178 -13.06 18.61 -19.45
N PHE A 179 -12.37 18.05 -18.46
CA PHE A 179 -12.92 17.07 -17.55
C PHE A 179 -12.97 17.64 -16.14
N PHE A 180 -13.76 16.99 -15.29
CA PHE A 180 -13.81 17.37 -13.88
C PHE A 180 -13.90 16.12 -13.02
N VAL A 181 -13.33 16.22 -11.81
CA VAL A 181 -13.48 15.19 -10.78
C VAL A 181 -13.81 15.88 -9.47
N PHE A 182 -14.51 15.15 -8.61
CA PHE A 182 -14.77 15.54 -7.22
C PHE A 182 -14.07 14.55 -6.29
N SER A 183 -13.44 15.05 -5.24
CA SER A 183 -12.83 14.20 -4.22
C SER A 183 -13.44 14.54 -2.86
N ARG A 184 -13.65 13.50 -2.05
CA ARG A 184 -14.34 13.63 -0.77
C ARG A 184 -13.48 13.03 0.33
N LEU A 185 -13.32 13.77 1.43
CA LEU A 185 -12.49 13.33 2.55
C LEU A 185 -13.20 13.64 3.86
N GLU A 186 -13.61 12.60 4.58
CA GLU A 186 -14.18 12.76 5.91
CA GLU A 186 -14.17 12.78 5.91
C GLU A 186 -13.05 12.91 6.92
N VAL A 187 -13.15 13.93 7.79
CA VAL A 187 -12.16 14.17 8.82
C VAL A 187 -12.84 14.19 10.17
N THR A 188 -12.03 14.11 11.23
CA THR A 188 -12.52 14.09 12.60
C THR A 188 -12.17 15.39 13.31
N ARG A 189 -12.88 15.65 14.40
CA ARG A 189 -12.59 16.84 15.20
C ARG A 189 -11.17 16.77 15.76
N ALA A 190 -10.71 15.59 16.15
CA ALA A 190 -9.35 15.45 16.66
C ALA A 190 -8.32 15.91 15.62
N GLU A 191 -8.61 15.66 14.34
CA GLU A 191 -7.66 16.03 13.30
C GLU A 191 -7.61 17.55 13.12
N TRP A 192 -8.76 18.21 12.96
CA TRP A 192 -8.72 19.64 12.72
C TRP A 192 -8.35 20.44 13.97
N GLU A 193 -8.56 19.86 15.16
CA GLU A 193 -8.08 20.53 16.37
C GLU A 193 -6.57 20.40 16.51
N GLN A 194 -5.98 19.31 16.01
CA GLN A 194 -4.54 19.21 15.98
C GLN A 194 -3.94 20.21 15.00
N LYS A 195 -4.57 20.39 13.84
CA LYS A 195 -4.13 21.37 12.86
C LYS A 195 -5.26 21.57 11.87
N ASP A 196 -5.82 22.78 11.83
CA ASP A 196 -7.03 23.06 11.04
C ASP A 196 -6.63 23.61 9.68
N GLU A 197 -5.98 22.75 8.89
CA GLU A 197 -5.66 23.08 7.51
C GLU A 197 -5.46 21.77 6.77
N PHE A 198 -6.21 21.57 5.69
CA PHE A 198 -6.14 20.36 4.89
C PHE A 198 -5.94 20.76 3.43
N ILE A 199 -5.10 20.02 2.72
CA ILE A 199 -4.68 20.40 1.37
C ILE A 199 -5.14 19.34 0.39
N CYS A 200 -5.88 19.77 -0.63
CA CYS A 200 -6.22 18.95 -1.78
C CYS A 200 -5.20 19.24 -2.87
N ARG A 201 -4.47 18.22 -3.30
CA ARG A 201 -3.40 18.40 -4.28
C ARG A 201 -3.70 17.59 -5.54
N ALA A 202 -3.60 18.25 -6.69
CA ALA A 202 -3.81 17.62 -7.99
C ALA A 202 -2.49 17.57 -8.76
N VAL A 203 -2.20 16.43 -9.36
CA VAL A 203 -1.03 16.23 -10.21
C VAL A 203 -1.51 15.99 -11.62
N HIS A 204 -1.02 16.81 -12.56
CA HIS A 204 -1.49 16.74 -13.94
C HIS A 204 -0.37 17.18 -14.87
N GLU A 205 -0.32 16.56 -16.06
CA GLU A 205 0.75 16.83 -17.01
C GLU A 205 0.83 18.32 -17.36
N ALA A 206 -0.31 18.97 -17.55
CA ALA A 206 -0.36 20.35 -17.98
C ALA A 206 -0.29 21.35 -16.83
N ALA A 207 -0.20 20.88 -15.59
CA ALA A 207 -0.14 21.78 -14.45
C ALA A 207 1.24 22.41 -14.34
N SER A 208 1.29 23.56 -13.66
CA SER A 208 2.54 24.31 -13.51
C SER A 208 2.54 25.10 -12.20
N PRO A 209 3.71 25.14 -11.53
CA PRO A 209 4.93 24.45 -11.93
C PRO A 209 5.01 23.04 -11.36
N SER A 210 5.89 22.21 -11.94
CA SER A 210 6.17 20.87 -11.45
C SER A 210 4.92 19.98 -11.46
N GLN A 211 3.97 20.27 -12.37
CA GLN A 211 2.79 19.44 -12.60
C GLN A 211 1.92 19.32 -11.36
N THR A 212 1.91 20.33 -10.50
CA THR A 212 1.21 20.28 -9.23
C THR A 212 0.36 21.54 -9.03
N VAL A 213 -0.89 21.35 -8.61
CA VAL A 213 -1.78 22.44 -8.23
C VAL A 213 -2.54 22.01 -6.98
N GLN A 214 -2.53 22.83 -5.94
CA GLN A 214 -3.12 22.47 -4.66
C GLN A 214 -3.85 23.66 -4.04
N ARG A 215 -4.91 23.36 -3.29
CA ARG A 215 -5.66 24.37 -2.54
C ARG A 215 -5.97 23.82 -1.16
N ALA A 216 -6.05 24.71 -0.18
CA ALA A 216 -6.26 24.34 1.21
C ALA A 216 -7.66 24.76 1.67
N VAL A 217 -8.12 24.13 2.75
CA VAL A 217 -9.41 24.45 3.34
C VAL A 217 -9.31 24.21 4.84
N SER A 218 -10.03 25.02 5.60
CA SER A 218 -10.09 24.90 7.06
C SER A 218 -11.52 24.71 7.51
N VAL A 219 -11.69 23.97 8.61
CA VAL A 219 -13.03 23.71 9.15
C VAL A 219 -13.58 24.96 9.81
N ASN A 220 -12.74 25.70 10.55
CA ASN A 220 -13.12 26.90 11.28
C ASN A 220 -14.29 26.61 12.22
N PRO A 221 -14.10 25.76 13.24
CA PRO A 221 -15.23 25.39 14.10
C PRO A 221 -15.63 26.54 15.02
N GLY A 222 -16.86 26.43 15.52
CA GLY A 222 -17.40 27.42 16.43
C GLY A 222 -16.83 27.33 17.82
N VAL B 12 -24.43 -10.14 -26.53
CA VAL B 12 -25.68 -9.42 -26.34
C VAL B 12 -26.01 -9.31 -24.85
N SER B 13 -26.07 -8.08 -24.36
CA SER B 13 -26.36 -7.81 -22.96
C SER B 13 -27.66 -7.01 -22.82
N ALA B 14 -28.28 -7.12 -21.65
CA ALA B 14 -29.56 -6.47 -21.40
C ALA B 14 -29.53 -5.82 -20.02
N TYR B 15 -30.16 -4.65 -19.92
CA TYR B 15 -30.17 -3.88 -18.68
C TYR B 15 -31.58 -3.37 -18.42
N LEU B 16 -31.97 -3.32 -17.15
CA LEU B 16 -33.30 -2.89 -16.73
C LEU B 16 -33.17 -1.93 -15.56
N SER B 17 -33.72 -0.73 -15.72
CA SER B 17 -33.54 0.34 -14.76
C SER B 17 -34.74 0.48 -13.83
N ARG B 18 -34.57 1.27 -12.78
CA ARG B 18 -35.62 1.69 -11.88
C ARG B 18 -36.04 3.12 -12.21
N PRO B 19 -37.23 3.54 -11.80
CA PRO B 19 -37.65 4.92 -12.08
C PRO B 19 -36.78 5.91 -11.32
N SER B 20 -36.69 7.11 -11.88
CA SER B 20 -35.97 8.17 -11.18
C SER B 20 -36.82 8.66 -10.02
N PRO B 21 -36.20 8.98 -8.87
CA PRO B 21 -36.97 9.57 -7.76
C PRO B 21 -37.75 10.80 -8.17
N PHE B 22 -37.24 11.59 -9.10
CA PHE B 22 -37.98 12.76 -9.57
C PHE B 22 -39.28 12.36 -10.24
N ASP B 23 -39.22 11.39 -11.15
CA ASP B 23 -40.44 10.93 -11.82
C ASP B 23 -41.38 10.25 -10.83
N LEU B 24 -40.82 9.56 -9.84
CA LEU B 24 -41.66 8.76 -8.95
C LEU B 24 -42.40 9.63 -7.93
N PHE B 25 -41.73 10.67 -7.41
CA PHE B 25 -42.25 11.39 -6.25
C PHE B 25 -42.75 12.80 -6.55
N ILE B 26 -42.19 13.49 -7.54
CA ILE B 26 -42.58 14.87 -7.81
C ILE B 26 -43.56 14.90 -8.98
N ARG B 27 -43.14 14.39 -10.14
CA ARG B 27 -44.04 14.33 -11.29
C ARG B 27 -45.07 13.22 -11.13
N LYS B 28 -44.77 12.19 -10.35
CA LYS B 28 -45.66 11.05 -10.14
C LYS B 28 -46.06 10.41 -11.47
N SER B 29 -45.05 10.19 -12.32
CA SER B 29 -45.22 9.49 -13.60
CA SER B 29 -45.22 9.49 -13.60
C SER B 29 -43.99 8.63 -13.86
N PRO B 30 -43.82 7.56 -13.08
CA PRO B 30 -42.60 6.76 -13.20
C PRO B 30 -42.59 5.89 -14.45
N THR B 31 -41.38 5.66 -14.97
CA THR B 31 -41.15 4.74 -16.06
C THR B 31 -39.91 3.90 -15.77
N ILE B 32 -39.80 2.76 -16.44
CA ILE B 32 -38.59 1.94 -16.39
C ILE B 32 -38.18 1.62 -17.82
N THR B 33 -36.90 1.34 -18.01
CA THR B 33 -36.32 1.20 -19.35
C THR B 33 -35.54 -0.12 -19.44
N CYS B 34 -35.84 -0.90 -20.49
CA CYS B 34 -35.09 -2.10 -20.81
C CYS B 34 -34.18 -1.82 -22.00
N LEU B 35 -32.88 -2.00 -21.81
CA LEU B 35 -31.87 -1.65 -22.80
C LEU B 35 -31.13 -2.90 -23.25
N VAL B 36 -31.11 -3.14 -24.57
CA VAL B 36 -30.46 -4.31 -25.15
C VAL B 36 -29.30 -3.81 -26.02
N VAL B 37 -28.10 -4.30 -25.75
CA VAL B 37 -26.88 -3.82 -26.39
C VAL B 37 -26.20 -4.98 -27.11
N ASP B 38 -25.46 -4.64 -28.17
CA ASP B 38 -24.62 -5.57 -28.94
C ASP B 38 -25.43 -6.56 -29.77
N LEU B 39 -26.67 -6.23 -30.11
CA LEU B 39 -27.49 -7.11 -30.94
C LEU B 39 -26.98 -7.12 -32.38
N THR B 45 -34.65 -10.56 -35.40
CA THR B 45 -35.08 -9.24 -34.94
C THR B 45 -35.53 -9.30 -33.48
N VAL B 46 -34.95 -8.43 -32.65
CA VAL B 46 -35.09 -8.53 -31.20
C VAL B 46 -36.51 -8.17 -30.78
N GLN B 47 -37.04 -8.93 -29.81
CA GLN B 47 -38.35 -8.67 -29.22
C GLN B 47 -38.19 -8.45 -27.72
N LEU B 48 -38.84 -7.42 -27.21
CA LEU B 48 -38.85 -7.11 -25.78
C LEU B 48 -40.27 -7.22 -25.27
N THR B 49 -40.50 -8.13 -24.32
CA THR B 49 -41.82 -8.38 -23.76
C THR B 49 -41.82 -8.09 -22.27
N TRP B 50 -42.76 -7.26 -21.83
CA TRP B 50 -42.89 -6.85 -20.45
C TRP B 50 -43.93 -7.71 -19.73
N SER B 51 -43.70 -7.92 -18.44
CA SER B 51 -44.67 -8.61 -17.60
C SER B 51 -44.40 -8.22 -16.15
N ARG B 52 -45.41 -8.47 -15.31
CA ARG B 52 -45.34 -8.19 -13.89
C ARG B 52 -45.32 -9.50 -13.10
N ALA B 53 -44.49 -9.54 -12.05
CA ALA B 53 -44.39 -10.75 -11.24
C ALA B 53 -45.71 -11.12 -10.59
N SER B 54 -46.62 -10.16 -10.38
CA SER B 54 -47.92 -10.46 -9.83
C SER B 54 -48.87 -11.10 -10.83
N GLY B 55 -48.58 -10.98 -12.13
CA GLY B 55 -49.48 -11.45 -13.16
C GLY B 55 -50.48 -10.42 -13.65
N LYS B 56 -50.45 -9.21 -13.11
CA LYS B 56 -51.38 -8.16 -13.48
C LYS B 56 -50.90 -7.48 -14.77
N PRO B 57 -51.81 -6.81 -15.49
CA PRO B 57 -51.47 -6.32 -16.83
C PRO B 57 -50.46 -5.18 -16.82
N VAL B 58 -49.71 -5.09 -17.92
CA VAL B 58 -48.79 -3.99 -18.14
C VAL B 58 -49.38 -3.05 -19.15
N GLN B 59 -48.88 -1.81 -19.17
CA GLN B 59 -49.32 -0.82 -20.13
C GLN B 59 -48.55 -0.96 -21.44
N HIS B 60 -48.92 -0.16 -22.44
CA HIS B 60 -48.18 -0.13 -23.69
C HIS B 60 -46.81 0.50 -23.46
N SER B 61 -45.81 -0.01 -24.17
CA SER B 61 -44.45 0.49 -24.09
C SER B 61 -44.03 1.10 -25.41
N THR B 62 -43.03 1.99 -25.34
CA THR B 62 -42.49 2.64 -26.53
C THR B 62 -41.14 2.01 -26.87
N ARG B 63 -40.89 1.86 -28.17
CA ARG B 63 -39.71 1.18 -28.68
C ARG B 63 -38.89 2.12 -29.55
N LYS B 64 -37.57 2.03 -29.44
CA LYS B 64 -36.66 2.82 -30.28
C LYS B 64 -35.38 2.04 -30.45
N GLU B 65 -35.03 1.70 -31.69
CA GLU B 65 -33.78 1.03 -32.00
C GLU B 65 -32.91 1.98 -32.83
N GLU B 66 -31.64 2.07 -32.46
CA GLU B 66 -30.71 3.01 -33.07
C GLU B 66 -29.41 2.30 -33.39
N LYS B 67 -29.00 2.35 -34.66
CA LYS B 67 -27.72 1.78 -35.07
C LYS B 67 -26.59 2.70 -34.63
N GLN B 68 -25.55 2.11 -34.05
CA GLN B 68 -24.44 2.87 -33.50
C GLN B 68 -23.24 2.84 -34.45
N ARG B 69 -22.36 3.83 -34.29
CA ARG B 69 -21.18 3.98 -35.12
C ARG B 69 -20.04 3.03 -34.75
N ASN B 70 -20.33 1.95 -34.02
CA ASN B 70 -19.33 0.92 -33.74
C ASN B 70 -19.84 -0.46 -34.13
N GLY B 71 -20.78 -0.55 -35.07
CA GLY B 71 -21.30 -1.80 -35.54
C GLY B 71 -22.39 -2.42 -34.68
N THR B 72 -22.76 -1.78 -33.57
CA THR B 72 -23.70 -2.33 -32.62
C THR B 72 -25.08 -1.70 -32.80
N LEU B 73 -26.12 -2.53 -32.76
CA LEU B 73 -27.50 -2.06 -32.70
C LEU B 73 -28.00 -2.14 -31.27
N THR B 74 -28.70 -1.11 -30.83
CA THR B 74 -29.29 -1.07 -29.50
C THR B 74 -30.79 -0.88 -29.60
N VAL B 75 -31.52 -1.60 -28.76
CA VAL B 75 -32.98 -1.50 -28.67
C VAL B 75 -33.33 -1.04 -27.26
N THR B 76 -34.23 -0.07 -27.18
CA THR B 76 -34.65 0.52 -25.91
C THR B 76 -36.16 0.52 -25.83
N SER B 77 -36.71 -0.04 -24.76
CA SER B 77 -38.15 -0.02 -24.50
C SER B 77 -38.40 0.63 -23.15
N THR B 78 -39.34 1.58 -23.12
CA THR B 78 -39.69 2.30 -21.90
C THR B 78 -41.12 1.98 -21.55
N LEU B 79 -41.35 1.56 -20.30
CA LEU B 79 -42.65 1.14 -19.84
C LEU B 79 -43.15 2.05 -18.74
N PRO B 80 -44.34 2.64 -18.87
CA PRO B 80 -44.93 3.37 -17.74
C PRO B 80 -45.41 2.38 -16.68
N VAL B 81 -45.18 2.74 -15.42
CA VAL B 81 -45.60 1.89 -14.31
C VAL B 81 -46.46 2.70 -13.35
N GLY B 82 -47.29 1.99 -12.60
CA GLY B 82 -48.12 2.65 -11.62
C GLY B 82 -47.29 3.17 -10.45
N THR B 83 -47.68 4.33 -9.94
CA THR B 83 -46.94 4.95 -8.84
C THR B 83 -47.06 4.13 -7.56
N ARG B 84 -48.29 3.84 -7.14
CA ARG B 84 -48.48 3.00 -5.96
C ARG B 84 -48.01 1.57 -6.21
N ASP B 85 -48.21 1.06 -7.43
CA ASP B 85 -47.72 -0.28 -7.77
C ASP B 85 -46.22 -0.39 -7.50
N TRP B 86 -45.44 0.60 -7.93
CA TRP B 86 -43.99 0.53 -7.73
C TRP B 86 -43.63 0.70 -6.26
N ILE B 87 -44.21 1.70 -5.60
CA ILE B 87 -43.88 1.97 -4.20
C ILE B 87 -44.24 0.80 -3.32
N GLU B 88 -45.30 0.07 -3.66
CA GLU B 88 -45.72 -1.09 -2.87
C GLU B 88 -44.97 -2.37 -3.23
N GLY B 89 -44.05 -2.33 -4.18
CA GLY B 89 -43.10 -3.41 -4.38
C GLY B 89 -43.33 -4.34 -5.55
N GLU B 90 -44.04 -3.90 -6.60
CA GLU B 90 -44.20 -4.74 -7.77
C GLU B 90 -42.84 -4.99 -8.43
N THR B 91 -42.70 -6.17 -9.04
CA THR B 91 -41.51 -6.55 -9.79
C THR B 91 -41.86 -6.60 -11.27
N TYR B 92 -41.11 -5.85 -12.08
CA TYR B 92 -41.34 -5.80 -13.51
C TYR B 92 -40.25 -6.55 -14.24
N GLN B 93 -40.63 -7.19 -15.35
CA GLN B 93 -39.78 -8.16 -16.01
C GLN B 93 -39.68 -7.85 -17.49
N CYS B 94 -38.46 -7.87 -18.02
CA CYS B 94 -38.19 -7.68 -19.44
C CYS B 94 -37.51 -8.94 -19.96
N ARG B 95 -38.13 -9.59 -20.94
CA ARG B 95 -37.60 -10.81 -21.52
CA ARG B 95 -37.61 -10.81 -21.53
C ARG B 95 -37.23 -10.56 -22.98
N VAL B 96 -35.99 -10.90 -23.33
CA VAL B 96 -35.43 -10.65 -24.66
C VAL B 96 -35.31 -11.97 -25.40
N THR B 97 -35.90 -12.03 -26.60
CA THR B 97 -35.80 -13.21 -27.45
C THR B 97 -35.36 -12.79 -28.84
N HIS B 98 -34.48 -13.60 -29.45
CA HIS B 98 -33.96 -13.34 -30.78
C HIS B 98 -33.52 -14.66 -31.39
N PRO B 99 -33.54 -14.78 -32.72
CA PRO B 99 -33.11 -16.06 -33.33
C PRO B 99 -31.64 -16.35 -33.12
N HIS B 100 -30.78 -15.33 -33.17
CA HIS B 100 -29.35 -15.56 -33.00
C HIS B 100 -29.02 -16.05 -31.59
N LEU B 101 -29.70 -15.51 -30.59
CA LEU B 101 -29.44 -15.90 -29.21
C LEU B 101 -30.00 -17.29 -28.95
N PRO B 102 -29.24 -18.19 -28.32
CA PRO B 102 -29.78 -19.52 -28.01
C PRO B 102 -30.75 -19.49 -26.83
N ARG B 103 -30.35 -18.86 -25.74
CA ARG B 103 -31.17 -18.74 -24.54
C ARG B 103 -31.70 -17.32 -24.42
N ALA B 104 -32.96 -17.19 -24.00
CA ALA B 104 -33.57 -15.89 -23.86
C ALA B 104 -32.98 -15.14 -22.66
N LEU B 105 -32.85 -13.82 -22.81
CA LEU B 105 -32.37 -12.97 -21.72
C LEU B 105 -33.56 -12.52 -20.88
N MET B 106 -33.42 -12.64 -19.57
CA MET B 106 -34.49 -12.25 -18.65
C MET B 106 -33.91 -11.30 -17.61
N ARG B 107 -34.55 -10.14 -17.45
CA ARG B 107 -34.15 -9.15 -16.47
C ARG B 107 -35.37 -8.71 -15.68
N SER B 108 -35.16 -8.31 -14.44
CA SER B 108 -36.25 -7.87 -13.58
C SER B 108 -35.79 -6.66 -12.78
N THR B 109 -36.75 -5.88 -12.30
CA THR B 109 -36.45 -4.70 -11.50
C THR B 109 -37.53 -4.48 -10.45
N THR B 110 -37.09 -4.03 -9.27
CA THR B 110 -38.00 -3.70 -8.19
CA THR B 110 -37.97 -3.75 -8.15
C THR B 110 -37.29 -2.68 -7.29
N LYS B 111 -38.08 -2.02 -6.44
CA LYS B 111 -37.51 -1.04 -5.55
C LYS B 111 -36.47 -1.68 -4.63
N THR B 112 -35.43 -0.92 -4.28
CA THR B 112 -34.35 -1.45 -3.48
C THR B 112 -34.78 -1.63 -2.03
N SER B 113 -34.41 -2.77 -1.46
CA SER B 113 -34.77 -3.09 -0.08
C SER B 113 -33.72 -2.50 0.87
N GLY B 114 -33.84 -2.80 2.15
CA GLY B 114 -32.84 -2.39 3.12
C GLY B 114 -33.23 -1.14 3.88
N PRO B 115 -32.37 -0.73 4.81
CA PRO B 115 -32.68 0.44 5.65
C PRO B 115 -32.66 1.73 4.83
N ARG B 116 -33.37 2.72 5.35
CA ARG B 116 -33.51 4.02 4.72
C ARG B 116 -32.79 5.09 5.55
N ALA B 117 -32.33 6.14 4.86
CA ALA B 117 -31.70 7.27 5.52
C ALA B 117 -31.79 8.48 4.62
N ALA B 118 -32.22 9.62 5.17
CA ALA B 118 -32.41 10.82 4.38
C ALA B 118 -31.06 11.44 4.03
N PRO B 119 -30.98 12.12 2.89
CA PRO B 119 -29.71 12.75 2.50
C PRO B 119 -29.45 14.05 3.23
N GLU B 120 -28.17 14.30 3.53
CA GLU B 120 -27.69 15.62 3.91
C GLU B 120 -27.30 16.36 2.64
N VAL B 121 -27.63 17.65 2.58
CA VAL B 121 -27.39 18.46 1.40
C VAL B 121 -26.55 19.68 1.76
N TYR B 122 -25.50 19.93 0.98
CA TYR B 122 -24.63 21.08 1.15
C TYR B 122 -24.34 21.70 -0.21
N ALA B 123 -24.42 23.02 -0.30
CA ALA B 123 -24.25 23.73 -1.57
C ALA B 123 -23.13 24.77 -1.45
N PHE B 124 -22.27 24.81 -2.47
CA PHE B 124 -21.12 25.71 -2.47
C PHE B 124 -21.05 26.46 -3.81
N ALA B 125 -20.32 27.58 -3.78
CA ALA B 125 -20.01 28.37 -4.97
C ALA B 125 -18.51 28.55 -5.04
N THR B 126 -17.93 28.31 -6.21
CA THR B 126 -16.51 28.50 -6.39
C THR B 126 -16.17 29.98 -6.42
N PRO B 127 -14.98 30.37 -6.00
CA PRO B 127 -14.49 31.73 -6.25
C PRO B 127 -14.09 31.89 -7.71
N GLU B 128 -13.86 33.14 -8.09
CA GLU B 128 -13.50 33.44 -9.47
C GLU B 128 -12.19 32.76 -9.85
N TRP B 129 -12.13 32.25 -11.08
CA TRP B 129 -10.89 31.73 -11.62
C TRP B 129 -10.40 32.66 -12.73
N PRO B 130 -9.09 32.90 -12.82
CA PRO B 130 -8.57 33.79 -13.87
C PRO B 130 -9.01 33.36 -15.25
N GLY B 131 -9.53 34.32 -16.01
CA GLY B 131 -10.04 34.05 -17.34
C GLY B 131 -11.50 33.63 -17.40
N SER B 132 -12.21 33.65 -16.27
CA SER B 132 -13.62 33.29 -16.22
C SER B 132 -14.35 34.26 -15.29
N ARG B 133 -14.33 35.54 -15.66
CA ARG B 133 -14.91 36.57 -14.80
C ARG B 133 -16.44 36.58 -14.84
N ASP B 134 -17.04 36.06 -15.90
CA ASP B 134 -18.49 36.14 -16.08
C ASP B 134 -19.21 34.85 -15.73
N LYS B 135 -18.51 33.85 -15.19
CA LYS B 135 -19.15 32.58 -14.87
C LYS B 135 -18.56 32.02 -13.58
N ARG B 136 -19.39 31.23 -12.89
CA ARG B 136 -18.98 30.53 -11.68
C ARG B 136 -19.51 29.10 -11.76
N THR B 137 -18.91 28.23 -10.95
CA THR B 137 -19.36 26.86 -10.84
C THR B 137 -19.98 26.65 -9.46
N LEU B 138 -21.19 26.10 -9.43
CA LEU B 138 -21.82 25.70 -8.19
C LEU B 138 -21.66 24.19 -8.02
N ALA B 139 -21.50 23.77 -6.77
CA ALA B 139 -21.32 22.37 -6.43
C ALA B 139 -22.23 22.02 -5.28
N CYS B 140 -22.87 20.85 -5.36
CA CYS B 140 -23.74 20.36 -4.32
C CYS B 140 -23.26 19.00 -3.86
N LEU B 141 -23.04 18.84 -2.56
CA LEU B 141 -22.68 17.57 -1.96
C LEU B 141 -23.90 17.01 -1.25
N ILE B 142 -24.31 15.81 -1.66
CA ILE B 142 -25.47 15.12 -1.09
C ILE B 142 -24.98 13.77 -0.61
N GLN B 143 -25.11 13.51 0.70
CA GLN B 143 -24.42 12.36 1.26
C GLN B 143 -25.22 11.70 2.37
N ASN B 144 -24.82 10.47 2.69
CA ASN B 144 -25.31 9.67 3.82
C ASN B 144 -26.76 9.25 3.63
N PHE B 145 -27.22 9.12 2.39
CA PHE B 145 -28.54 8.59 2.09
C PHE B 145 -28.45 7.13 1.71
N MET B 146 -29.55 6.40 1.93
CA MET B 146 -29.69 5.05 1.43
C MET B 146 -31.18 4.74 1.28
N PRO B 147 -31.56 4.00 0.23
CA PRO B 147 -30.72 3.42 -0.83
C PRO B 147 -30.12 4.46 -1.78
N GLU B 148 -29.45 3.99 -2.84
CA GLU B 148 -28.59 4.85 -3.64
C GLU B 148 -29.34 5.65 -4.70
N ASP B 149 -30.62 5.37 -4.96
CA ASP B 149 -31.35 6.12 -5.98
C ASP B 149 -31.63 7.54 -5.50
N ILE B 150 -31.31 8.52 -6.33
CA ILE B 150 -31.48 9.93 -5.96
C ILE B 150 -31.56 10.77 -7.23
N SER B 151 -32.36 11.83 -7.18
CA SER B 151 -32.44 12.82 -8.23
C SER B 151 -32.04 14.19 -7.69
N VAL B 152 -31.50 15.03 -8.57
CA VAL B 152 -31.09 16.38 -8.20
C VAL B 152 -31.72 17.36 -9.18
N GLN B 153 -32.36 18.41 -8.66
CA GLN B 153 -32.79 19.55 -9.45
C GLN B 153 -32.12 20.81 -8.94
N TRP B 154 -31.85 21.74 -9.86
CA TRP B 154 -31.38 23.06 -9.52
C TRP B 154 -32.48 24.06 -9.87
N LEU B 155 -32.73 25.00 -8.97
CA LEU B 155 -33.80 25.98 -9.13
C LEU B 155 -33.23 27.39 -9.15
N HIS B 156 -33.74 28.21 -10.06
CA HIS B 156 -33.44 29.63 -10.13
C HIS B 156 -34.70 30.36 -10.57
N ASN B 157 -34.96 31.52 -9.98
CA ASN B 157 -36.18 32.28 -10.24
C ASN B 157 -37.42 31.44 -9.92
N GLU B 158 -37.36 30.70 -8.82
CA GLU B 158 -38.47 29.89 -8.31
C GLU B 158 -38.94 28.83 -9.31
N VAL B 159 -38.13 28.52 -10.32
CA VAL B 159 -38.46 27.49 -11.30
C VAL B 159 -37.23 26.63 -11.55
N GLN B 160 -37.48 25.44 -12.09
CA GLN B 160 -36.43 24.45 -12.29
C GLN B 160 -35.63 24.74 -13.55
N LEU B 161 -34.31 24.59 -13.46
CA LEU B 161 -33.44 24.74 -14.61
C LEU B 161 -33.42 23.44 -15.42
N PRO B 162 -33.15 23.52 -16.73
CA PRO B 162 -33.12 22.31 -17.55
C PRO B 162 -32.09 21.31 -17.04
N ASP B 163 -32.42 20.02 -17.21
CA ASP B 163 -31.58 18.95 -16.66
C ASP B 163 -30.18 18.96 -17.25
N ALA B 164 -30.05 19.29 -18.53
CA ALA B 164 -28.75 19.29 -19.18
C ALA B 164 -27.81 20.36 -18.64
N ARG B 165 -28.31 21.28 -17.82
CA ARG B 165 -27.47 22.33 -17.25
C ARG B 165 -26.52 21.79 -16.18
N HIS B 166 -26.83 20.65 -15.57
CA HIS B 166 -26.03 20.15 -14.46
C HIS B 166 -25.59 18.72 -14.74
N SER B 167 -24.61 18.27 -13.96
CA SER B 167 -24.12 16.90 -14.02
CA SER B 167 -24.12 16.90 -14.02
C SER B 167 -23.95 16.36 -12.61
N THR B 168 -24.41 15.13 -12.40
CA THR B 168 -24.35 14.48 -11.09
C THR B 168 -23.52 13.20 -11.20
N THR B 169 -22.65 12.98 -10.22
CA THR B 169 -21.79 11.81 -10.25
C THR B 169 -22.56 10.55 -9.89
N GLN B 170 -21.95 9.41 -10.18
CA GLN B 170 -22.56 8.13 -9.85
C GLN B 170 -22.54 7.92 -8.33
N PRO B 171 -23.59 7.37 -7.75
CA PRO B 171 -23.59 7.10 -6.30
C PRO B 171 -22.41 6.26 -5.89
N ARG B 172 -21.73 6.69 -4.82
CA ARG B 172 -20.54 6.04 -4.31
C ARG B 172 -20.68 5.87 -2.79
N LYS B 173 -20.09 4.80 -2.28
CA LYS B 173 -20.18 4.51 -0.85
C LYS B 173 -19.42 5.54 -0.03
N THR B 174 -20.03 5.95 1.07
CA THR B 174 -19.29 6.66 2.11
C THR B 174 -18.50 5.64 2.94
N LYS B 175 -17.80 6.12 3.97
CA LYS B 175 -17.12 5.19 4.85
C LYS B 175 -18.11 4.37 5.66
N GLY B 176 -19.27 4.95 5.99
CA GLY B 176 -20.32 4.22 6.67
C GLY B 176 -21.15 3.36 5.75
N SER B 177 -22.48 3.40 5.92
CA SER B 177 -23.39 2.57 5.14
C SER B 177 -24.13 3.34 4.06
N GLY B 178 -23.95 4.67 3.98
CA GLY B 178 -24.67 5.49 3.03
C GLY B 178 -23.90 5.74 1.75
N PHE B 179 -24.52 6.56 0.89
CA PHE B 179 -23.96 6.93 -0.41
C PHE B 179 -23.79 8.44 -0.48
N PHE B 180 -23.03 8.88 -1.48
CA PHE B 180 -22.90 10.31 -1.77
C PHE B 180 -22.83 10.53 -3.28
N VAL B 181 -23.34 11.67 -3.71
CA VAL B 181 -23.13 12.17 -5.06
C VAL B 181 -22.74 13.63 -4.97
N PHE B 182 -22.04 14.10 -6.01
CA PHE B 182 -21.78 15.51 -6.23
C PHE B 182 -22.57 15.96 -7.46
N SER B 183 -23.13 17.17 -7.38
CA SER B 183 -23.80 17.78 -8.51
C SER B 183 -23.10 19.09 -8.86
N ARG B 184 -22.86 19.28 -10.15
CA ARG B 184 -22.09 20.43 -10.65
C ARG B 184 -22.96 21.24 -11.59
N LEU B 185 -22.99 22.55 -11.38
CA LEU B 185 -23.79 23.46 -12.21
C LEU B 185 -23.02 24.74 -12.45
N GLU B 186 -22.75 25.05 -13.72
CA GLU B 186 -22.12 26.30 -14.09
C GLU B 186 -23.17 27.36 -14.37
N VAL B 187 -23.04 28.50 -13.70
CA VAL B 187 -23.99 29.60 -13.84
C VAL B 187 -23.29 30.79 -14.47
N THR B 188 -24.09 31.71 -15.01
CA THR B 188 -23.59 32.88 -15.70
C THR B 188 -23.80 34.13 -14.84
N ARG B 189 -23.04 35.19 -15.19
CA ARG B 189 -23.14 36.44 -14.45
C ARG B 189 -24.55 37.02 -14.54
N ALA B 190 -25.15 36.98 -15.73
CA ALA B 190 -26.50 37.49 -15.91
C ALA B 190 -27.49 36.81 -14.97
N GLU B 191 -27.25 35.55 -14.64
CA GLU B 191 -28.19 34.82 -13.80
C GLU B 191 -28.12 35.28 -12.35
N TRP B 192 -26.92 35.32 -11.76
CA TRP B 192 -26.82 35.74 -10.37
C TRP B 192 -27.02 37.25 -10.21
N GLU B 193 -26.79 38.03 -11.27
CA GLU B 193 -27.13 39.45 -11.22
C GLU B 193 -28.64 39.64 -11.23
N GLN B 194 -29.37 38.82 -12.01
CA GLN B 194 -30.82 38.91 -12.02
C GLN B 194 -31.39 38.51 -10.67
N LYS B 195 -30.91 37.40 -10.10
CA LYS B 195 -31.21 37.04 -8.72
C LYS B 195 -30.10 36.14 -8.21
N ASP B 196 -29.51 36.51 -7.07
CA ASP B 196 -28.36 35.78 -6.52
C ASP B 196 -28.82 34.75 -5.49
N GLU B 197 -29.60 33.79 -5.98
CA GLU B 197 -30.00 32.65 -5.15
C GLU B 197 -30.24 31.45 -6.07
N PHE B 198 -29.53 30.36 -5.79
CA PHE B 198 -29.69 29.11 -6.52
C PHE B 198 -29.93 28.00 -5.51
N ILE B 199 -30.84 27.09 -5.85
CA ILE B 199 -31.29 26.05 -4.91
C ILE B 199 -30.91 24.69 -5.47
N CYS B 200 -30.13 23.94 -4.70
CA CYS B 200 -29.89 22.53 -4.97
C CYS B 200 -30.92 21.72 -4.20
N ARG B 201 -31.70 20.92 -4.92
CA ARG B 201 -32.77 20.12 -4.32
C ARG B 201 -32.53 18.65 -4.60
N ALA B 202 -32.48 17.85 -3.54
CA ALA B 202 -32.37 16.41 -3.65
C ALA B 202 -33.75 15.77 -3.53
N VAL B 203 -34.00 14.75 -4.35
CA VAL B 203 -35.24 13.98 -4.31
C VAL B 203 -34.88 12.57 -3.92
N HIS B 204 -35.40 12.11 -2.78
CA HIS B 204 -35.04 10.82 -2.24
C HIS B 204 -36.20 10.27 -1.42
N GLU B 205 -36.41 8.96 -1.50
CA GLU B 205 -37.58 8.36 -0.88
C GLU B 205 -37.57 8.50 0.64
N ALA B 206 -36.40 8.60 1.25
CA ALA B 206 -36.30 8.69 2.71
C ALA B 206 -36.41 10.11 3.22
N ALA B 207 -36.41 11.12 2.34
CA ALA B 207 -36.55 12.50 2.77
C ALA B 207 -37.99 12.76 3.21
N SER B 208 -38.17 13.20 4.45
CA SER B 208 -39.50 13.41 4.99
CA SER B 208 -39.50 13.41 5.01
C SER B 208 -39.80 14.90 5.13
N PRO B 209 -41.07 15.29 4.90
CA PRO B 209 -42.21 14.45 4.54
C PRO B 209 -42.54 14.35 3.05
N SER B 210 -41.90 15.17 2.21
CA SER B 210 -42.30 15.29 0.81
C SER B 210 -41.20 14.81 -0.15
N GLN B 211 -40.33 13.92 0.33
CA GLN B 211 -39.27 13.31 -0.47
C GLN B 211 -38.27 14.32 -1.04
N THR B 212 -38.16 15.51 -0.44
CA THR B 212 -37.21 16.51 -0.90
C THR B 212 -36.41 17.07 0.27
N VAL B 213 -35.16 17.42 -0.02
CA VAL B 213 -34.30 18.20 0.87
C VAL B 213 -33.53 19.18 -0.02
N GLN B 214 -33.52 20.46 0.36
CA GLN B 214 -32.90 21.48 -0.48
C GLN B 214 -32.05 22.42 0.35
N ARG B 215 -31.12 23.09 -0.34
CA ARG B 215 -30.27 24.12 0.26
C ARG B 215 -30.00 25.21 -0.77
N ALA B 216 -29.95 26.45 -0.31
CA ALA B 216 -29.68 27.59 -1.16
C ALA B 216 -28.22 28.02 -1.06
N VAL B 217 -27.73 28.66 -2.12
CA VAL B 217 -26.36 29.18 -2.15
C VAL B 217 -26.34 30.40 -3.05
N SER B 218 -25.46 31.35 -2.72
CA SER B 218 -25.28 32.58 -3.48
C SER B 218 -23.85 32.69 -3.98
N VAL B 219 -23.68 33.35 -5.12
CA VAL B 219 -22.35 33.53 -5.68
C VAL B 219 -21.53 34.49 -4.82
N ASN B 220 -22.12 35.61 -4.44
CA ASN B 220 -21.54 36.61 -3.56
C ASN B 220 -22.25 36.60 -2.21
N PRO B 221 -21.52 36.81 -1.09
CA PRO B 221 -21.93 36.58 0.31
C PRO B 221 -23.40 36.24 0.56
N GLY C 11 21.08 -31.44 -1.66
CA GLY C 11 22.22 -30.81 -2.30
C GLY C 11 23.15 -30.15 -1.31
N VAL C 12 23.98 -29.23 -1.81
CA VAL C 12 24.96 -28.51 -0.98
C VAL C 12 25.01 -27.05 -1.41
N SER C 13 25.23 -26.18 -0.44
CA SER C 13 25.57 -24.78 -0.69
C SER C 13 27.02 -24.55 -0.27
N ALA C 14 27.73 -23.77 -1.06
CA ALA C 14 29.11 -23.37 -0.76
C ALA C 14 29.17 -21.85 -0.68
N TYR C 15 29.84 -21.35 0.35
CA TYR C 15 29.97 -19.93 0.58
C TYR C 15 31.44 -19.56 0.73
N LEU C 16 31.78 -18.34 0.34
CA LEU C 16 33.15 -17.85 0.39
C LEU C 16 33.13 -16.43 0.94
N SER C 17 33.80 -16.22 2.06
CA SER C 17 33.75 -14.96 2.79
C SER C 17 35.02 -14.15 2.57
N ARG C 18 34.89 -12.84 2.74
CA ARG C 18 35.99 -11.90 2.69
C ARG C 18 36.62 -11.80 4.08
N PRO C 19 37.84 -11.27 4.18
CA PRO C 19 38.46 -11.11 5.50
C PRO C 19 37.67 -10.12 6.36
N SER C 20 37.69 -10.36 7.66
CA SER C 20 37.11 -9.39 8.57
C SER C 20 38.01 -8.17 8.66
N PRO C 21 37.45 -6.96 8.71
CA PRO C 21 38.30 -5.77 8.82
C PRO C 21 39.23 -5.78 10.03
N PHE C 22 38.80 -6.42 11.13
CA PHE C 22 39.68 -6.54 12.29
C PHE C 22 40.92 -7.36 11.96
N ASP C 23 40.73 -8.49 11.27
CA ASP C 23 41.88 -9.30 10.86
C ASP C 23 42.73 -8.57 9.83
N LEU C 24 42.08 -7.87 8.90
CA LEU C 24 42.81 -7.26 7.78
C LEU C 24 43.63 -6.06 8.23
N PHE C 25 43.06 -5.19 9.06
CA PHE C 25 43.64 -3.89 9.36
C PHE C 25 44.33 -3.82 10.71
N ILE C 26 43.79 -4.47 11.73
CA ILE C 26 44.36 -4.37 13.08
C ILE C 26 45.40 -5.46 13.27
N ARG C 27 44.96 -6.72 13.23
CA ARG C 27 45.89 -7.84 13.35
C ARG C 27 46.80 -7.98 12.15
N LYS C 28 46.38 -7.47 10.98
CA LYS C 28 47.13 -7.59 9.74
C LYS C 28 47.44 -9.06 9.43
N SER C 29 46.46 -9.92 9.68
CA SER C 29 46.56 -11.35 9.38
C SER C 29 45.24 -11.81 8.79
N PRO C 30 44.91 -11.36 7.59
CA PRO C 30 43.60 -11.66 7.02
C PRO C 30 43.50 -13.10 6.52
N THR C 31 42.29 -13.66 6.63
CA THR C 31 42.00 -14.99 6.10
C THR C 31 40.64 -14.95 5.40
N ILE C 32 40.44 -15.89 4.48
CA ILE C 32 39.15 -16.12 3.83
C ILE C 32 38.75 -17.57 4.09
N THR C 33 37.45 -17.80 4.20
CA THR C 33 36.91 -19.10 4.57
C THR C 33 35.93 -19.60 3.51
N CYS C 34 36.15 -20.84 3.06
CA CYS C 34 35.24 -21.52 2.14
C CYS C 34 34.40 -22.49 2.96
N LEU C 35 33.09 -22.26 3.00
CA LEU C 35 32.16 -23.05 3.80
C LEU C 35 31.24 -23.83 2.87
N VAL C 36 31.28 -25.16 2.99
CA VAL C 36 30.41 -26.05 2.22
C VAL C 36 29.51 -26.81 3.20
N VAL C 37 28.21 -26.81 2.92
CA VAL C 37 27.20 -27.36 3.82
C VAL C 37 26.49 -28.51 3.12
N ASP C 38 26.36 -29.63 3.81
CA ASP C 38 25.66 -30.79 3.25
C ASP C 38 24.26 -30.92 3.84
N THR C 45 34.29 -37.40 1.51
CA THR C 45 35.64 -36.91 1.25
C THR C 45 35.61 -35.67 0.36
N VAL C 46 34.90 -34.63 0.82
CA VAL C 46 34.80 -33.40 0.04
C VAL C 46 36.17 -32.75 -0.08
N GLN C 47 36.46 -32.21 -1.25
CA GLN C 47 37.74 -31.58 -1.54
C GLN C 47 37.57 -30.08 -1.74
N LEU C 48 38.46 -29.29 -1.13
CA LEU C 48 38.45 -27.85 -1.28
C LEU C 48 39.83 -27.39 -1.72
N THR C 49 39.90 -26.71 -2.86
CA THR C 49 41.15 -26.30 -3.47
C THR C 49 41.14 -24.80 -3.71
N TRP C 50 42.28 -24.15 -3.49
CA TRP C 50 42.41 -22.70 -3.61
C TRP C 50 43.31 -22.33 -4.79
N SER C 51 43.05 -21.17 -5.36
CA SER C 51 43.88 -20.63 -6.43
C SER C 51 43.66 -19.13 -6.52
N ARG C 52 44.56 -18.46 -7.23
CA ARG C 52 44.51 -17.02 -7.43
C ARG C 52 44.30 -16.71 -8.91
N ALA C 53 43.61 -15.59 -9.17
CA ALA C 53 43.40 -15.16 -10.55
C ALA C 53 44.71 -14.80 -11.24
N SER C 54 45.67 -14.24 -10.50
CA SER C 54 46.96 -13.89 -11.07
C SER C 54 47.82 -15.11 -11.37
N GLY C 55 47.46 -16.29 -10.86
CA GLY C 55 48.26 -17.48 -11.02
C GLY C 55 49.33 -17.67 -9.98
N LYS C 56 49.50 -16.72 -9.06
CA LYS C 56 50.50 -16.84 -8.01
C LYS C 56 50.10 -17.93 -7.02
N PRO C 57 51.05 -18.46 -6.26
CA PRO C 57 50.73 -19.57 -5.34
C PRO C 57 49.93 -19.11 -4.13
N VAL C 58 49.17 -20.05 -3.57
CA VAL C 58 48.40 -19.82 -2.37
C VAL C 58 49.11 -20.48 -1.21
N GLN C 59 48.76 -20.04 0.01
CA GLN C 59 49.38 -20.59 1.21
CA GLN C 59 49.36 -20.58 1.23
C GLN C 59 48.67 -21.87 1.63
N HIS C 60 49.20 -22.51 2.67
CA HIS C 60 48.58 -23.69 3.25
C HIS C 60 47.28 -23.30 3.94
N SER C 61 46.25 -24.13 3.76
CA SER C 61 44.93 -23.85 4.32
C SER C 61 44.59 -24.86 5.42
N THR C 62 43.67 -24.45 6.30
CA THR C 62 43.23 -25.27 7.42
C THR C 62 41.84 -25.83 7.13
N ARG C 63 41.71 -27.15 7.23
CA ARG C 63 40.44 -27.84 6.99
C ARG C 63 39.84 -28.27 8.32
N LYS C 64 38.51 -28.15 8.43
CA LYS C 64 37.82 -28.44 9.67
C LYS C 64 36.47 -29.08 9.37
N GLU C 65 36.15 -30.16 10.08
CA GLU C 65 34.88 -30.86 9.96
C GLU C 65 34.15 -30.83 11.30
N GLU C 66 32.85 -30.53 11.25
CA GLU C 66 32.02 -30.48 12.44
C GLU C 66 30.66 -31.08 12.12
N LYS C 67 30.07 -31.73 13.12
CA LYS C 67 28.75 -32.35 13.00
C LYS C 67 27.72 -31.43 13.62
N GLN C 68 26.71 -31.05 12.84
CA GLN C 68 25.66 -30.18 13.34
C GLN C 68 24.60 -31.00 14.08
N ARG C 69 23.76 -30.29 14.85
CA ARG C 69 22.74 -30.96 15.65
C ARG C 69 21.71 -31.66 14.76
N ASN C 70 21.39 -31.07 13.62
CA ASN C 70 20.42 -31.66 12.70
C ASN C 70 21.00 -32.81 11.88
N GLY C 71 22.28 -33.11 12.03
CA GLY C 71 22.92 -34.19 11.32
C GLY C 71 23.69 -33.78 10.08
N THR C 72 23.57 -32.54 9.64
CA THR C 72 24.29 -32.08 8.47
C THR C 72 25.78 -31.97 8.77
N LEU C 73 26.59 -32.23 7.76
CA LEU C 73 28.05 -32.16 7.86
C LEU C 73 28.53 -30.81 7.32
N THR C 74 29.31 -30.10 8.12
CA THR C 74 29.84 -28.80 7.76
C THR C 74 31.35 -28.90 7.61
N VAL C 75 31.85 -28.45 6.45
CA VAL C 75 33.27 -28.49 6.14
C VAL C 75 33.73 -27.08 5.77
N THR C 76 34.82 -26.63 6.40
CA THR C 76 35.38 -25.31 6.12
C THR C 76 36.85 -25.44 5.77
N SER C 77 37.31 -24.54 4.91
CA SER C 77 38.72 -24.36 4.63
C SER C 77 39.05 -22.88 4.78
N THR C 78 40.06 -22.58 5.58
CA THR C 78 40.44 -21.21 5.90
C THR C 78 41.82 -20.93 5.35
N LEU C 79 41.92 -19.93 4.47
CA LEU C 79 43.14 -19.64 3.74
C LEU C 79 43.72 -18.30 4.19
N PRO C 80 44.96 -18.26 4.69
CA PRO C 80 45.61 -16.96 4.91
C PRO C 80 45.93 -16.29 3.58
N VAL C 81 45.69 -14.98 3.52
CA VAL C 81 45.97 -14.20 2.32
C VAL C 81 46.87 -13.03 2.69
N GLY C 82 47.60 -12.54 1.70
CA GLY C 82 48.49 -11.41 1.92
C GLY C 82 47.71 -10.12 2.09
N THR C 83 48.23 -9.25 2.95
CA THR C 83 47.56 -7.97 3.20
C THR C 83 47.57 -7.09 1.95
N ARG C 84 48.75 -6.94 1.33
CA ARG C 84 48.83 -6.13 0.12
C ARG C 84 48.12 -6.80 -1.05
N ASP C 85 48.19 -8.14 -1.12
CA ASP C 85 47.50 -8.87 -2.19
C ASP C 85 46.01 -8.60 -2.15
N TRP C 86 45.41 -8.65 -0.96
CA TRP C 86 43.96 -8.47 -0.86
C TRP C 86 43.57 -7.02 -1.14
N ILE C 87 44.30 -6.06 -0.55
CA ILE C 87 43.92 -4.66 -0.70
C ILE C 87 44.09 -4.19 -2.14
N GLU C 88 45.06 -4.76 -2.87
CA GLU C 88 45.27 -4.37 -4.26
C GLU C 88 44.29 -5.04 -5.23
N GLY C 89 43.43 -5.92 -4.75
CA GLY C 89 42.33 -6.43 -5.54
C GLY C 89 42.49 -7.81 -6.14
N GLU C 90 43.28 -8.68 -5.53
CA GLU C 90 43.41 -10.06 -6.02
C GLU C 90 42.09 -10.79 -5.88
N THR C 91 41.86 -11.76 -6.77
CA THR C 91 40.69 -12.63 -6.72
C THR C 91 41.11 -14.03 -6.32
N TYR C 92 40.46 -14.58 -5.30
CA TYR C 92 40.72 -15.92 -4.82
C TYR C 92 39.52 -16.82 -5.12
N GLN C 93 39.81 -18.09 -5.40
CA GLN C 93 38.79 -19.04 -5.84
C GLN C 93 38.87 -20.32 -5.01
N CYS C 94 37.70 -20.79 -4.57
CA CYS C 94 37.57 -22.06 -3.86
C CYS C 94 36.80 -23.03 -4.74
N ARG C 95 37.45 -24.11 -5.15
CA ARG C 95 36.84 -25.12 -6.00
C ARG C 95 36.49 -26.34 -5.14
N VAL C 96 35.22 -26.74 -5.18
CA VAL C 96 34.72 -27.84 -4.36
C VAL C 96 34.57 -29.07 -5.25
N THR C 97 35.07 -30.20 -4.77
CA THR C 97 34.98 -31.47 -5.51
C THR C 97 34.16 -32.49 -4.73
N ALA C 104 32.87 -29.49 -9.27
CA ALA C 104 31.64 -28.95 -9.85
C ALA C 104 31.40 -27.52 -9.39
N LEU C 105 31.68 -27.25 -8.11
CA LEU C 105 31.35 -25.99 -7.50
C LEU C 105 32.56 -25.06 -7.46
N MET C 106 32.33 -23.79 -7.79
CA MET C 106 33.37 -22.78 -7.77
C MET C 106 32.82 -21.50 -7.16
N ARG C 107 33.56 -20.94 -6.22
CA ARG C 107 33.24 -19.67 -5.58
C ARG C 107 34.45 -18.76 -5.64
N SER C 108 34.20 -17.46 -5.81
CA SER C 108 35.26 -16.47 -5.89
CA SER C 108 35.26 -16.47 -5.89
C SER C 108 34.98 -15.33 -4.92
N THR C 109 36.05 -14.67 -4.49
CA THR C 109 35.92 -13.52 -3.60
C THR C 109 37.03 -12.53 -3.91
N THR C 110 36.70 -11.24 -3.77
CA THR C 110 37.62 -10.16 -4.04
C THR C 110 37.13 -8.95 -3.26
N LYS C 111 37.99 -7.95 -3.12
CA LYS C 111 37.63 -6.73 -2.42
C LYS C 111 36.52 -6.00 -3.18
N THR C 112 35.50 -5.55 -2.46
CA THR C 112 34.42 -4.81 -3.09
C THR C 112 34.92 -3.43 -3.53
N SER C 113 34.71 -3.12 -4.81
CA SER C 113 35.08 -1.82 -5.33
C SER C 113 33.92 -0.85 -5.16
N GLY C 114 34.12 0.39 -5.63
CA GLY C 114 33.11 1.41 -5.50
C GLY C 114 33.51 2.47 -4.49
N PRO C 115 32.61 3.42 -4.24
CA PRO C 115 32.93 4.51 -3.31
C PRO C 115 33.06 4.03 -1.87
N ARG C 116 33.80 4.81 -1.10
CA ARG C 116 34.04 4.55 0.31
C ARG C 116 33.38 5.62 1.18
N ALA C 117 33.02 5.25 2.39
CA ALA C 117 32.49 6.20 3.37
C ALA C 117 32.72 5.64 4.76
N ALA C 118 33.15 6.51 5.67
CA ALA C 118 33.46 6.10 7.04
C ALA C 118 32.18 5.91 7.85
N PRO C 119 32.23 5.07 8.89
CA PRO C 119 31.02 4.83 9.68
C PRO C 119 30.82 5.88 10.76
N GLU C 120 29.55 6.22 10.98
CA GLU C 120 29.13 6.98 12.16
C GLU C 120 28.80 5.98 13.27
N VAL C 121 29.22 6.30 14.49
CA VAL C 121 29.02 5.42 15.64
C VAL C 121 28.24 6.17 16.70
N TYR C 122 27.17 5.56 17.21
CA TYR C 122 26.38 6.09 18.31
C TYR C 122 26.10 4.97 19.31
N ALA C 123 26.41 5.21 20.58
CA ALA C 123 26.19 4.25 21.65
C ALA C 123 25.13 4.77 22.62
N PHE C 124 24.24 3.88 23.05
CA PHE C 124 23.13 4.24 23.91
C PHE C 124 23.02 3.26 25.06
N ALA C 125 22.43 3.74 26.16
CA ALA C 125 22.18 2.91 27.35
C ALA C 125 20.71 3.02 27.70
N THR C 126 20.07 1.88 27.96
CA THR C 126 18.69 1.89 28.38
C THR C 126 18.58 2.41 29.81
N PRO C 127 17.51 3.15 30.12
CA PRO C 127 17.23 3.46 31.53
C PRO C 127 16.79 2.21 32.26
N GLU C 128 16.83 2.29 33.59
CA GLU C 128 16.45 1.15 34.41
C GLU C 128 15.00 0.76 34.14
N TRP C 129 14.78 -0.50 33.86
CA TRP C 129 13.40 -0.93 33.67
C TRP C 129 12.84 -1.47 34.98
N PRO C 130 11.55 -1.20 35.24
CA PRO C 130 10.91 -1.72 36.45
C PRO C 130 11.17 -3.21 36.70
N GLY C 131 11.71 -3.52 37.87
CA GLY C 131 11.92 -4.91 38.27
C GLY C 131 13.13 -5.57 37.65
N SER C 132 14.07 -4.80 37.08
CA SER C 132 15.29 -5.34 36.46
C SER C 132 16.45 -4.42 36.85
N ARG C 133 16.80 -4.43 38.13
CA ARG C 133 17.74 -3.45 38.67
C ARG C 133 19.20 -3.86 38.52
N ASP C 134 19.50 -5.14 38.33
CA ASP C 134 20.87 -5.64 38.33
C ASP C 134 21.39 -5.94 36.94
N LYS C 135 20.69 -5.51 35.89
CA LYS C 135 21.18 -5.69 34.54
C LYS C 135 20.70 -4.55 33.68
N ARG C 136 21.49 -4.25 32.65
CA ARG C 136 21.20 -3.13 31.76
CA ARG C 136 21.23 -3.12 31.76
C ARG C 136 21.64 -3.51 30.35
N THR C 137 21.03 -2.88 29.36
CA THR C 137 21.32 -3.17 27.96
C THR C 137 21.94 -1.95 27.30
N LEU C 138 23.07 -2.16 26.64
CA LEU C 138 23.69 -1.13 25.81
C LEU C 138 23.41 -1.43 24.35
N ALA C 139 23.25 -0.36 23.56
CA ALA C 139 22.97 -0.49 22.14
C ALA C 139 23.89 0.44 21.37
N CYS C 140 24.39 -0.05 20.23
CA CYS C 140 25.28 0.72 19.38
C CYS C 140 24.77 0.70 17.95
N LEU C 141 24.57 1.88 17.38
CA LEU C 141 24.14 2.03 16.01
C LEU C 141 25.32 2.54 15.19
N ILE C 142 25.68 1.80 14.14
CA ILE C 142 26.78 2.15 13.25
C ILE C 142 26.21 2.22 11.85
N GLN C 143 26.36 3.37 11.18
CA GLN C 143 25.59 3.60 9.97
C GLN C 143 26.34 4.48 8.98
N ASN C 144 25.84 4.46 7.74
CA ASN C 144 26.28 5.31 6.63
C ASN C 144 27.67 4.97 6.13
N PHE C 145 28.17 3.77 6.40
CA PHE C 145 29.45 3.33 5.89
C PHE C 145 29.28 2.56 4.59
N MET C 146 30.33 2.56 3.76
CA MET C 146 30.39 1.69 2.59
C MET C 146 31.85 1.43 2.22
N PRO C 147 32.18 0.20 1.81
CA PRO C 147 31.30 -0.97 1.67
C PRO C 147 30.79 -1.53 3.00
N GLU C 148 30.10 -2.66 2.96
CA GLU C 148 29.39 -3.16 4.12
C GLU C 148 30.27 -3.93 5.10
N ASP C 149 31.49 -4.29 4.72
CA ASP C 149 32.35 -5.06 5.60
C ASP C 149 32.72 -4.24 6.83
N ILE C 150 32.36 -4.72 8.01
CA ILE C 150 32.64 -4.00 9.25
C ILE C 150 32.79 -5.00 10.38
N SER C 151 33.70 -4.70 11.31
CA SER C 151 33.87 -5.45 12.54
C SER C 151 33.42 -4.59 13.71
N VAL C 152 32.71 -5.18 14.65
CA VAL C 152 32.17 -4.48 15.81
C VAL C 152 32.63 -5.20 17.08
N GLN C 153 33.22 -4.45 18.01
CA GLN C 153 33.70 -5.00 19.26
C GLN C 153 33.22 -4.15 20.43
N TRP C 154 33.09 -4.79 21.59
CA TRP C 154 32.80 -4.11 22.85
C TRP C 154 33.97 -4.31 23.79
N LEU C 155 34.36 -3.23 24.48
CA LEU C 155 35.48 -3.28 25.41
C LEU C 155 35.07 -2.71 26.76
N HIS C 156 35.70 -3.22 27.81
CA HIS C 156 35.52 -2.77 29.17
C HIS C 156 36.90 -2.76 29.82
N ASN C 157 37.30 -1.62 30.38
CA ASN C 157 38.66 -1.42 30.90
C ASN C 157 39.72 -1.68 29.82
N GLU C 158 39.39 -1.37 28.57
CA GLU C 158 40.25 -1.63 27.41
C GLU C 158 40.52 -3.11 27.20
N VAL C 159 39.69 -3.97 27.80
CA VAL C 159 39.77 -5.41 27.59
C VAL C 159 38.59 -5.82 26.71
N GLN C 160 38.90 -6.48 25.60
CA GLN C 160 37.85 -6.88 24.66
C GLN C 160 36.97 -7.96 25.28
N LEU C 161 35.67 -7.71 25.31
CA LEU C 161 34.74 -8.68 25.87
C LEU C 161 34.57 -9.87 24.92
N PRO C 162 34.26 -11.06 25.45
CA PRO C 162 34.06 -12.22 24.59
C PRO C 162 32.96 -11.99 23.56
N ASP C 163 33.16 -12.55 22.37
CA ASP C 163 32.24 -12.30 21.26
C ASP C 163 30.82 -12.68 21.62
N ALA C 164 30.64 -13.78 22.36
CA ALA C 164 29.31 -14.29 22.68
C ALA C 164 28.50 -13.33 23.55
N ARG C 165 29.14 -12.33 24.16
CA ARG C 165 28.41 -11.41 25.03
C ARG C 165 27.49 -10.48 24.26
N HIS C 166 27.76 -10.22 22.98
CA HIS C 166 26.98 -9.29 22.19
C HIS C 166 26.46 -9.95 20.92
N SER C 167 25.49 -9.28 20.31
CA SER C 167 24.99 -9.63 18.98
C SER C 167 25.06 -8.40 18.09
N THR C 168 25.36 -8.63 16.82
CA THR C 168 25.41 -7.59 15.81
C THR C 168 24.62 -8.05 14.59
N THR C 169 23.76 -7.19 14.08
CA THR C 169 22.97 -7.53 12.90
C THR C 169 23.84 -7.54 11.65
N GLN C 170 23.35 -8.21 10.62
CA GLN C 170 24.00 -8.16 9.33
C GLN C 170 23.82 -6.78 8.72
N PRO C 171 24.80 -6.30 7.96
CA PRO C 171 24.66 -4.97 7.33
C PRO C 171 23.42 -4.91 6.44
N ARG C 172 22.69 -3.81 6.54
CA ARG C 172 21.52 -3.57 5.72
C ARG C 172 21.59 -2.15 5.15
N LYS C 173 20.94 -1.97 4.00
CA LYS C 173 20.96 -0.67 3.34
C LYS C 173 20.19 0.37 4.15
N THR C 174 20.73 1.58 4.19
CA THR C 174 19.99 2.72 4.70
C THR C 174 19.09 3.24 3.58
N LYS C 175 18.53 4.44 3.77
CA LYS C 175 17.79 5.08 2.69
C LYS C 175 18.70 5.62 1.60
N GLY C 176 19.96 5.87 1.93
CA GLY C 176 20.96 6.34 0.97
C GLY C 176 21.78 5.19 0.41
N SER C 177 23.08 5.43 0.29
CA SER C 177 24.00 4.42 -0.24
C SER C 177 24.72 3.61 0.83
N GLY C 178 24.83 4.14 2.05
CA GLY C 178 25.56 3.46 3.10
C GLY C 178 24.77 2.33 3.74
N PHE C 179 25.45 1.60 4.61
CA PHE C 179 24.86 0.48 5.35
C PHE C 179 24.78 0.84 6.83
N PHE C 180 24.06 0.01 7.59
CA PHE C 180 23.97 0.20 9.03
C PHE C 180 23.89 -1.16 9.71
N VAL C 181 24.41 -1.22 10.94
CA VAL C 181 24.27 -2.38 11.81
C VAL C 181 23.88 -1.90 13.21
N PHE C 182 23.18 -2.77 13.94
CA PHE C 182 22.88 -2.57 15.35
C PHE C 182 23.64 -3.62 16.16
N SER C 183 24.24 -3.20 17.27
CA SER C 183 24.90 -4.11 18.19
C SER C 183 24.32 -3.97 19.59
N ARG C 184 24.12 -5.11 20.26
CA ARG C 184 23.44 -5.16 21.55
C ARG C 184 24.31 -5.88 22.57
N LEU C 185 24.52 -5.27 23.72
CA LEU C 185 25.35 -5.84 24.78
C LEU C 185 24.63 -5.70 26.12
N GLU C 186 24.23 -6.82 26.71
CA GLU C 186 23.71 -6.81 28.07
C GLU C 186 24.86 -6.78 29.07
N VAL C 187 24.80 -5.84 30.02
CA VAL C 187 25.85 -5.69 31.02
C VAL C 187 25.24 -5.90 32.40
N THR C 188 26.11 -6.20 33.37
CA THR C 188 25.71 -6.52 34.73
C THR C 188 26.04 -5.38 35.67
N ARG C 189 25.36 -5.39 36.83
CA ARG C 189 25.62 -4.37 37.84
C ARG C 189 27.07 -4.42 38.32
N ALA C 190 27.62 -5.63 38.47
CA ALA C 190 29.01 -5.76 38.90
C ALA C 190 29.95 -5.08 37.91
N GLU C 191 29.64 -5.17 36.62
CA GLU C 191 30.51 -4.58 35.62
C GLU C 191 30.48 -3.06 35.68
N TRP C 192 29.30 -2.45 35.75
CA TRP C 192 29.27 -0.99 35.73
C TRP C 192 29.58 -0.39 37.09
N GLU C 193 29.49 -1.16 38.17
CA GLU C 193 29.98 -0.67 39.46
C GLU C 193 31.49 -0.64 39.50
N GLN C 194 32.14 -1.59 38.84
CA GLN C 194 33.60 -1.58 38.78
C GLN C 194 34.09 -0.40 37.93
N LYS C 195 33.49 -0.21 36.76
CA LYS C 195 33.74 0.99 35.97
C LYS C 195 32.55 1.22 35.04
N ASP C 196 31.88 2.37 35.19
CA ASP C 196 30.70 2.68 34.41
C ASP C 196 31.10 3.36 33.10
N GLU C 197 31.79 2.60 32.26
CA GLU C 197 32.13 3.08 30.92
C GLU C 197 32.41 1.87 30.03
N PHE C 198 31.68 1.78 28.92
CA PHE C 198 31.84 0.70 27.96
C PHE C 198 32.08 1.30 26.58
N ILE C 199 32.86 0.60 25.77
CA ILE C 199 33.30 1.11 24.47
C ILE C 199 32.69 0.27 23.37
N CYS C 200 31.95 0.91 22.47
CA CYS C 200 31.57 0.28 21.21
C CYS C 200 32.59 0.71 20.15
N ARG C 201 33.29 -0.28 19.58
CA ARG C 201 34.35 -0.01 18.61
C ARG C 201 34.01 -0.66 17.28
N ALA C 202 34.17 0.11 16.20
CA ALA C 202 33.96 -0.39 14.85
C ALA C 202 35.25 -0.31 14.05
N VAL C 203 35.52 -1.35 13.28
CA VAL C 203 36.69 -1.41 12.39
C VAL C 203 36.19 -1.41 10.96
N HIS C 204 36.65 -0.46 10.16
CA HIS C 204 36.17 -0.30 8.80
C HIS C 204 37.28 0.31 7.93
N GLU C 205 37.29 -0.09 6.66
CA GLU C 205 38.34 0.32 5.74
C GLU C 205 38.43 1.84 5.62
N ALA C 206 37.29 2.52 5.58
CA ALA C 206 37.25 3.96 5.35
C ALA C 206 37.36 4.77 6.63
N ALA C 207 37.40 4.13 7.79
CA ALA C 207 37.58 4.86 9.03
C ALA C 207 39.01 5.39 9.13
N SER C 208 39.15 6.59 9.69
CA SER C 208 40.44 7.26 9.73
C SER C 208 40.85 7.58 11.17
N PRO C 209 42.17 7.55 11.45
CA PRO C 209 43.25 7.27 10.51
C PRO C 209 43.71 5.81 10.47
N SER C 210 43.38 5.04 11.50
CA SER C 210 43.80 3.64 11.62
C SER C 210 42.60 2.70 11.54
N GLN C 211 41.65 3.00 10.66
CA GLN C 211 40.52 2.13 10.35
C GLN C 211 39.66 1.80 11.57
N THR C 212 39.60 2.71 12.54
CA THR C 212 38.89 2.46 13.79
C THR C 212 38.19 3.72 14.25
N VAL C 213 36.93 3.59 14.66
CA VAL C 213 36.15 4.64 15.29
C VAL C 213 35.36 4.02 16.45
N GLN C 214 35.28 4.73 17.57
CA GLN C 214 34.67 4.16 18.77
C GLN C 214 33.90 5.22 19.53
N ARG C 215 32.97 4.76 20.37
CA ARG C 215 32.14 5.62 21.20
C ARG C 215 32.02 5.02 22.59
N ALA C 216 32.18 5.87 23.61
CA ALA C 216 31.99 5.46 25.00
C ALA C 216 30.55 5.71 25.44
N VAL C 217 30.09 4.90 26.39
CA VAL C 217 28.74 5.05 26.92
C VAL C 217 28.75 4.60 28.38
N SER C 218 27.95 5.29 29.19
CA SER C 218 27.80 4.98 30.61
C SER C 218 26.36 4.60 30.92
N VAL C 219 26.19 3.73 31.92
CA VAL C 219 24.87 3.28 32.33
C VAL C 219 24.08 4.42 32.96
N ASN C 220 24.74 5.27 33.74
CA ASN C 220 24.07 6.38 34.39
C ASN C 220 24.57 7.72 33.86
N VAL D 12 14.96 -24.61 -3.41
CA VAL D 12 13.57 -24.28 -3.13
C VAL D 12 13.28 -24.40 -1.64
N SER D 13 12.86 -23.29 -1.04
CA SER D 13 12.50 -23.25 0.38
C SER D 13 11.16 -22.56 0.54
N ALA D 14 10.46 -22.90 1.62
CA ALA D 14 9.12 -22.37 1.88
C ALA D 14 9.04 -21.84 3.31
N TYR D 15 8.24 -20.80 3.48
CA TYR D 15 8.04 -20.16 4.78
C TYR D 15 6.57 -19.86 4.98
N LEU D 16 6.13 -19.90 6.23
CA LEU D 16 4.73 -19.65 6.59
C LEU D 16 4.71 -18.81 7.86
N SER D 17 4.14 -17.61 7.77
CA SER D 17 4.15 -16.67 8.88
C SER D 17 2.79 -16.64 9.58
N ARG D 18 2.84 -16.39 10.89
CA ARG D 18 1.65 -16.14 11.70
C ARG D 18 1.13 -14.72 11.45
N PRO D 19 -0.11 -14.44 11.86
CA PRO D 19 -0.66 -13.10 11.62
C PRO D 19 0.15 -12.01 12.30
N SER D 20 0.13 -10.84 11.67
CA SER D 20 0.69 -9.65 12.29
C SER D 20 -0.09 -9.31 13.55
N PRO D 21 0.57 -9.06 14.68
CA PRO D 21 -0.18 -8.60 15.87
C PRO D 21 -1.02 -7.37 15.61
N PHE D 22 -0.57 -6.48 14.72
CA PHE D 22 -1.38 -5.33 14.36
C PHE D 22 -2.64 -5.76 13.62
N ASP D 23 -2.51 -6.65 12.65
CA ASP D 23 -3.68 -7.14 11.93
C ASP D 23 -4.60 -7.93 12.85
N LEU D 24 -4.03 -8.69 13.79
CA LEU D 24 -4.83 -9.59 14.61
C LEU D 24 -5.60 -8.83 15.68
N PHE D 25 -4.92 -7.98 16.43
CA PHE D 25 -5.51 -7.38 17.61
C PHE D 25 -6.11 -5.99 17.38
N ILE D 26 -5.61 -5.25 16.39
CA ILE D 26 -6.09 -3.88 16.15
CA ILE D 26 -6.10 -3.89 16.16
C ILE D 26 -7.05 -3.86 14.97
N ARG D 27 -6.57 -4.26 13.79
CA ARG D 27 -7.41 -4.30 12.60
CA ARG D 27 -7.44 -4.28 12.62
C ARG D 27 -8.46 -5.41 12.68
N LYS D 28 -8.21 -6.44 13.49
CA LYS D 28 -9.13 -7.57 13.63
C LYS D 28 -9.40 -8.23 12.28
N SER D 29 -8.38 -8.26 11.43
CA SER D 29 -8.43 -8.99 10.17
C SER D 29 -7.09 -9.69 9.96
N PRO D 30 -6.86 -10.78 10.68
CA PRO D 30 -5.57 -11.48 10.57
C PRO D 30 -5.45 -12.26 9.27
N THR D 31 -4.23 -12.33 8.76
CA THR D 31 -3.89 -13.12 7.60
C THR D 31 -2.61 -13.89 7.87
N ILE D 32 -2.38 -14.94 7.08
CA ILE D 32 -1.13 -15.70 7.13
C ILE D 32 -0.60 -15.79 5.71
N THR D 33 0.73 -15.89 5.59
CA THR D 33 1.37 -15.81 4.28
C THR D 33 2.32 -16.99 4.07
N CYS D 34 2.16 -17.66 2.95
CA CYS D 34 3.07 -18.72 2.53
C CYS D 34 4.00 -18.17 1.47
N LEU D 35 5.30 -18.22 1.74
CA LEU D 35 6.32 -17.67 0.86
C LEU D 35 7.20 -18.79 0.32
N VAL D 36 7.34 -18.86 -0.99
CA VAL D 36 8.13 -19.89 -1.66
C VAL D 36 9.27 -19.19 -2.40
N VAL D 37 10.51 -19.57 -2.09
CA VAL D 37 11.70 -19.03 -2.74
C VAL D 37 12.32 -20.16 -3.56
N ASP D 38 12.34 -19.97 -4.88
CA ASP D 38 12.81 -20.98 -5.82
C ASP D 38 14.02 -20.46 -6.56
N LEU D 39 15.07 -21.28 -6.66
CA LEU D 39 16.30 -20.85 -7.32
C LEU D 39 16.18 -20.83 -8.83
N ALA D 40 15.41 -21.74 -9.41
CA ALA D 40 15.31 -21.86 -10.86
C ALA D 40 13.84 -21.98 -11.29
N PRO D 41 13.40 -21.20 -12.27
CA PRO D 41 12.03 -21.35 -12.78
C PRO D 41 11.90 -22.58 -13.66
N SER D 42 10.65 -22.96 -13.90
CA SER D 42 10.35 -24.07 -14.79
C SER D 42 9.81 -23.57 -16.13
N THR D 45 3.39 -24.30 -13.36
CA THR D 45 3.47 -23.27 -12.33
C THR D 45 3.34 -23.88 -10.94
N VAL D 46 3.91 -23.19 -9.95
CA VAL D 46 3.90 -23.67 -8.57
C VAL D 46 2.52 -23.45 -7.99
N GLN D 47 1.95 -24.49 -7.39
CA GLN D 47 0.64 -24.42 -6.77
C GLN D 47 0.79 -24.38 -5.25
N LEU D 48 0.08 -23.44 -4.62
CA LEU D 48 0.05 -23.30 -3.16
C LEU D 48 -1.38 -23.53 -2.70
N THR D 49 -1.61 -24.63 -1.99
CA THR D 49 -2.94 -25.04 -1.56
C THR D 49 -3.07 -24.88 -0.05
N TRP D 50 -4.14 -24.22 0.38
CA TRP D 50 -4.42 -24.00 1.79
C TRP D 50 -5.41 -25.03 2.30
N SER D 51 -5.19 -25.49 3.53
CA SER D 51 -6.13 -26.40 4.19
C SER D 51 -6.01 -26.21 5.69
N ARG D 52 -7.04 -26.67 6.40
CA ARG D 52 -7.08 -26.65 7.85
CA ARG D 52 -7.07 -26.64 7.85
C ARG D 52 -6.94 -28.07 8.39
N ALA D 53 -6.20 -28.21 9.50
CA ALA D 53 -6.01 -29.52 10.09
C ALA D 53 -7.34 -30.15 10.48
N SER D 54 -8.33 -29.32 10.83
CA SER D 54 -9.66 -29.80 11.19
C SER D 54 -10.47 -30.27 9.99
N GLY D 55 -10.07 -29.91 8.77
CA GLY D 55 -10.85 -30.20 7.58
C GLY D 55 -11.87 -29.15 7.21
N LYS D 56 -11.99 -28.08 8.00
CA LYS D 56 -12.98 -27.05 7.77
C LYS D 56 -12.57 -26.14 6.60
N PRO D 57 -13.51 -25.41 6.01
CA PRO D 57 -13.20 -24.67 4.78
C PRO D 57 -12.25 -23.51 5.01
N VAL D 58 -11.51 -23.17 3.96
CA VAL D 58 -10.63 -22.01 3.94
C VAL D 58 -11.21 -20.98 2.99
N GLN D 59 -10.87 -19.72 3.23
CA GLN D 59 -11.35 -18.62 2.40
C GLN D 59 -10.48 -18.48 1.15
N HIS D 60 -10.84 -17.53 0.29
CA HIS D 60 -10.08 -17.28 -0.92
C HIS D 60 -8.78 -16.57 -0.59
N SER D 61 -7.69 -17.05 -1.17
CA SER D 61 -6.37 -16.48 -0.96
C SER D 61 -5.93 -15.66 -2.17
N THR D 62 -4.99 -14.76 -1.95
CA THR D 62 -4.41 -13.94 -3.00
C THR D 62 -3.01 -14.45 -3.32
N ARG D 63 -2.63 -14.41 -4.60
CA ARG D 63 -1.39 -14.99 -5.07
C ARG D 63 -0.57 -13.93 -5.78
N LYS D 64 0.73 -13.87 -5.48
CA LYS D 64 1.65 -12.95 -6.12
C LYS D 64 2.88 -13.70 -6.61
N GLU D 65 3.41 -13.23 -7.74
CA GLU D 65 4.61 -13.81 -8.34
C GLU D 65 5.53 -12.68 -8.80
N GLU D 66 6.83 -12.89 -8.64
CA GLU D 66 7.81 -11.87 -9.04
C GLU D 66 9.11 -12.55 -9.41
N LYS D 67 9.60 -12.31 -10.63
CA LYS D 67 10.94 -12.71 -11.00
C LYS D 67 11.93 -11.70 -10.43
N GLN D 68 12.85 -12.18 -9.61
CA GLN D 68 13.78 -11.29 -8.91
C GLN D 68 15.03 -11.04 -9.75
N ARG D 69 15.82 -10.04 -9.31
CA ARG D 69 16.98 -9.61 -10.07
C ARG D 69 17.93 -10.75 -10.36
N ASN D 70 17.98 -11.77 -9.51
CA ASN D 70 18.82 -12.93 -9.71
C ASN D 70 18.13 -14.07 -10.45
N GLY D 71 16.96 -13.79 -11.03
CA GLY D 71 16.25 -14.80 -11.80
C GLY D 71 15.64 -15.89 -10.96
N THR D 72 14.77 -15.51 -10.02
CA THR D 72 14.11 -16.47 -9.13
C THR D 72 12.63 -16.15 -9.07
N LEU D 73 11.81 -17.21 -9.10
CA LEU D 73 10.37 -17.04 -9.02
C LEU D 73 9.95 -17.08 -7.56
N THR D 74 9.87 -15.89 -6.95
CA THR D 74 9.34 -15.74 -5.61
C THR D 74 7.81 -15.74 -5.68
N VAL D 75 7.18 -16.65 -4.95
CA VAL D 75 5.74 -16.81 -4.96
C VAL D 75 5.23 -16.65 -3.54
N THR D 76 4.22 -15.79 -3.36
CA THR D 76 3.59 -15.57 -2.07
C THR D 76 2.10 -15.77 -2.19
N SER D 77 1.50 -16.40 -1.18
CA SER D 77 0.06 -16.57 -1.10
C SER D 77 -0.40 -16.18 0.29
N THR D 78 -1.39 -15.30 0.36
CA THR D 78 -1.87 -14.75 1.62
C THR D 78 -3.32 -15.18 1.83
N LEU D 79 -3.59 -15.75 3.00
CA LEU D 79 -4.90 -16.32 3.30
C LEU D 79 -5.51 -15.60 4.50
N PRO D 80 -6.71 -15.02 4.36
CA PRO D 80 -7.41 -14.50 5.55
C PRO D 80 -7.86 -15.66 6.43
N VAL D 81 -7.71 -15.50 7.73
CA VAL D 81 -8.16 -16.50 8.68
C VAL D 81 -9.18 -15.86 9.62
N GLY D 82 -10.08 -16.69 10.13
CA GLY D 82 -11.04 -16.18 11.10
C GLY D 82 -10.34 -15.77 12.38
N THR D 83 -10.78 -14.64 12.95
CA THR D 83 -10.16 -14.13 14.16
C THR D 83 -10.32 -15.11 15.31
N ARG D 84 -11.54 -15.55 15.57
CA ARG D 84 -11.77 -16.53 16.63
C ARG D 84 -11.09 -17.86 16.30
N ASP D 85 -11.21 -18.32 15.05
CA ASP D 85 -10.55 -19.56 14.65
C ASP D 85 -9.07 -19.56 15.00
N TRP D 86 -8.38 -18.45 14.74
CA TRP D 86 -6.95 -18.39 15.04
C TRP D 86 -6.68 -18.37 16.54
N ILE D 87 -7.43 -17.56 17.28
CA ILE D 87 -7.20 -17.45 18.71
C ILE D 87 -7.53 -18.77 19.41
N GLU D 88 -8.57 -19.47 18.94
CA GLU D 88 -8.93 -20.75 19.53
C GLU D 88 -7.93 -21.86 19.22
N GLY D 89 -6.99 -21.62 18.30
CA GLY D 89 -5.90 -22.54 18.07
C GLY D 89 -6.01 -23.45 16.86
N GLU D 90 -6.69 -23.00 15.78
CA GLU D 90 -6.71 -23.79 14.56
C GLU D 90 -5.30 -23.89 13.96
N THR D 91 -5.05 -24.97 13.23
CA THR D 91 -3.81 -25.16 12.50
C THR D 91 -4.09 -25.06 11.00
N TYR D 92 -3.27 -24.27 10.30
CA TYR D 92 -3.42 -24.04 8.86
C TYR D 92 -2.19 -24.59 8.16
N GLN D 93 -2.39 -25.20 6.98
CA GLN D 93 -1.32 -25.82 6.23
CA GLN D 93 -1.33 -25.85 6.23
C GLN D 93 -1.22 -25.22 4.84
N CYS D 94 0.01 -24.99 4.41
CA CYS D 94 0.32 -24.57 3.05
C CYS D 94 1.06 -25.71 2.38
N ARG D 95 0.53 -26.20 1.26
CA ARG D 95 1.11 -27.31 0.54
C ARG D 95 1.58 -26.84 -0.83
N VAL D 96 2.84 -27.11 -1.15
CA VAL D 96 3.48 -26.62 -2.38
C VAL D 96 3.68 -27.81 -3.32
N THR D 97 3.11 -27.70 -4.52
CA THR D 97 3.15 -28.76 -5.52
C THR D 97 4.03 -28.33 -6.69
N HIS D 98 5.01 -29.17 -7.03
CA HIS D 98 5.89 -28.90 -8.16
C HIS D 98 6.60 -30.18 -8.62
N ALA D 104 7.31 -32.52 -2.66
CA ALA D 104 6.19 -31.75 -2.12
C ALA D 104 6.55 -31.13 -0.77
N LEU D 105 6.39 -29.81 -0.66
CA LEU D 105 6.67 -29.08 0.55
C LEU D 105 5.38 -28.82 1.33
N MET D 106 5.44 -29.01 2.65
CA MET D 106 4.30 -28.84 3.52
C MET D 106 4.72 -28.02 4.73
N ARG D 107 4.03 -26.90 4.96
CA ARG D 107 4.30 -26.03 6.10
C ARG D 107 3.00 -25.80 6.85
N SER D 108 3.09 -25.71 8.18
CA SER D 108 1.92 -25.48 9.01
C SER D 108 2.22 -24.38 10.02
N THR D 109 1.15 -23.73 10.50
CA THR D 109 1.29 -22.67 11.48
C THR D 109 0.06 -22.66 12.39
N THR D 110 0.28 -22.20 13.62
CA THR D 110 -0.79 -22.14 14.62
C THR D 110 -0.38 -21.13 15.68
N LYS D 111 -1.33 -20.79 16.56
CA LYS D 111 -1.07 -19.81 17.60
C LYS D 111 -0.12 -20.39 18.65
N THR D 112 0.90 -19.62 19.00
CA THR D 112 1.88 -20.06 19.99
C THR D 112 1.24 -20.21 21.36
N SER D 113 1.79 -21.11 22.16
CA SER D 113 1.36 -21.35 23.53
C SER D 113 2.57 -21.41 24.43
N GLY D 114 2.50 -20.71 25.56
CA GLY D 114 3.60 -20.64 26.48
C GLY D 114 3.61 -19.35 27.27
N PRO D 115 4.68 -19.10 28.01
CA PRO D 115 4.75 -17.89 28.84
C PRO D 115 4.67 -16.62 27.99
N ARG D 116 4.01 -15.60 28.56
CA ARG D 116 3.88 -14.30 27.92
C ARG D 116 4.59 -13.24 28.76
N ALA D 117 5.22 -12.29 28.07
CA ALA D 117 5.85 -11.15 28.72
C ALA D 117 5.71 -9.93 27.83
N ALA D 118 5.35 -8.80 28.44
CA ALA D 118 5.16 -7.59 27.68
C ALA D 118 6.52 -7.03 27.22
N PRO D 119 6.55 -6.35 26.08
CA PRO D 119 7.80 -5.76 25.62
C PRO D 119 8.18 -4.50 26.38
N GLU D 120 9.50 -4.33 26.55
CA GLU D 120 10.07 -3.08 27.02
C GLU D 120 10.49 -2.26 25.81
N VAL D 121 10.12 -0.99 25.79
CA VAL D 121 10.37 -0.11 24.65
C VAL D 121 11.29 1.02 25.08
N TYR D 122 12.35 1.25 24.29
CA TYR D 122 13.29 2.32 24.51
C TYR D 122 13.55 3.03 23.18
N ALA D 123 13.38 4.35 23.16
CA ALA D 123 13.57 5.14 21.95
C ALA D 123 14.69 6.15 22.15
N PHE D 124 15.56 6.26 21.14
CA PHE D 124 16.72 7.13 21.19
C PHE D 124 16.79 7.98 19.92
N ALA D 125 17.51 9.10 20.03
CA ALA D 125 17.79 9.99 18.91
C ALA D 125 19.30 10.21 18.83
N THR D 126 19.83 10.15 17.61
CA THR D 126 21.26 10.41 17.44
C THR D 126 21.54 11.90 17.56
N PRO D 127 22.66 12.28 18.14
CA PRO D 127 23.09 13.68 18.09
C PRO D 127 23.52 14.04 16.67
N GLU D 128 23.74 15.34 16.46
CA GLU D 128 24.11 15.81 15.13
C GLU D 128 25.49 15.27 14.75
N TRP D 129 25.58 14.72 13.53
CA TRP D 129 26.85 14.26 12.98
C TRP D 129 27.36 15.25 11.94
N PRO D 130 28.68 15.42 11.84
CA PRO D 130 29.23 16.31 10.81
C PRO D 130 28.76 15.92 9.42
N GLY D 131 28.22 16.90 8.70
CA GLY D 131 27.76 16.70 7.35
C GLY D 131 26.31 16.27 7.21
N SER D 132 25.57 16.18 8.32
CA SER D 132 24.16 15.80 8.31
C SER D 132 23.36 16.79 9.16
N ARG D 133 23.38 18.05 8.75
CA ARG D 133 22.76 19.10 9.54
C ARG D 133 21.23 18.99 9.52
N ASP D 134 20.65 18.49 8.44
CA ASP D 134 19.21 18.50 8.25
C ASP D 134 18.57 17.12 8.45
N LYS D 135 19.25 16.19 9.11
CA LYS D 135 18.67 14.88 9.31
C LYS D 135 19.23 14.23 10.56
N ARG D 136 18.36 13.52 11.28
CA ARG D 136 18.73 12.72 12.44
CA ARG D 136 18.74 12.71 12.43
C ARG D 136 18.21 11.30 12.23
N THR D 137 18.76 10.37 13.02
CA THR D 137 18.30 8.99 13.01
C THR D 137 17.73 8.66 14.38
N LEU D 138 16.51 8.12 14.39
CA LEU D 138 15.89 7.62 15.60
C LEU D 138 16.05 6.10 15.65
N ALA D 139 16.29 5.58 16.85
CA ALA D 139 16.46 4.15 17.06
C ALA D 139 15.56 3.69 18.19
N CYS D 140 14.92 2.55 18.00
CA CYS D 140 14.03 1.97 18.99
C CYS D 140 14.49 0.56 19.32
N LEU D 141 14.68 0.29 20.61
CA LEU D 141 15.02 -1.04 21.10
C LEU D 141 13.82 -1.59 21.87
N ILE D 142 13.27 -2.69 21.38
CA ILE D 142 12.15 -3.38 22.01
C ILE D 142 12.63 -4.77 22.38
N GLN D 143 12.45 -5.15 23.65
CA GLN D 143 13.09 -6.37 24.12
C GLN D 143 12.32 -7.03 25.24
N ASN D 144 12.69 -8.29 25.52
CA ASN D 144 12.22 -9.10 26.63
C ASN D 144 10.74 -9.48 26.52
N PHE D 145 10.19 -9.47 25.31
CA PHE D 145 8.82 -9.88 25.10
C PHE D 145 8.74 -11.36 24.74
N MET D 146 7.61 -11.97 25.07
CA MET D 146 7.32 -13.37 24.77
C MET D 146 5.84 -13.51 24.47
N PRO D 147 5.48 -14.21 23.38
CA PRO D 147 6.32 -14.80 22.34
C PRO D 147 6.90 -13.76 21.39
N GLU D 148 7.51 -14.21 20.30
CA GLU D 148 8.30 -13.34 19.44
C GLU D 148 7.47 -12.48 18.49
N ASP D 149 6.19 -12.80 18.29
CA ASP D 149 5.36 -12.06 17.36
CA ASP D 149 5.35 -12.05 17.36
C ASP D 149 5.20 -10.62 17.82
N ILE D 150 5.56 -9.67 16.94
CA ILE D 150 5.50 -8.26 17.31
C ILE D 150 5.37 -7.42 16.04
N SER D 151 4.60 -6.34 16.14
CA SER D 151 4.55 -5.30 15.11
C SER D 151 5.12 -4.00 15.68
N VAL D 152 5.90 -3.31 14.86
CA VAL D 152 6.55 -2.05 15.25
C VAL D 152 6.08 -0.96 14.31
N GLN D 153 5.67 0.17 14.87
CA GLN D 153 5.19 1.31 14.09
C GLN D 153 5.83 2.59 14.60
N TRP D 154 5.92 3.57 13.72
CA TRP D 154 6.39 4.90 14.04
C TRP D 154 5.28 5.91 13.76
N LEU D 155 5.05 6.82 14.69
CA LEU D 155 4.00 7.81 14.53
C LEU D 155 4.57 9.22 14.66
N HIS D 156 3.97 10.15 13.92
CA HIS D 156 4.29 11.56 13.99
C HIS D 156 2.98 12.33 13.90
N ASN D 157 2.80 13.32 14.79
CA ASN D 157 1.52 14.01 14.95
C ASN D 157 0.41 13.01 15.26
N GLU D 158 0.75 11.99 16.05
CA GLU D 158 -0.17 10.91 16.42
C GLU D 158 -0.78 10.22 15.21
N VAL D 159 -0.08 10.28 14.07
CA VAL D 159 -0.48 9.61 12.83
C VAL D 159 0.66 8.71 12.40
N GLN D 160 0.32 7.50 11.95
CA GLN D 160 1.33 6.51 11.61
C GLN D 160 2.02 6.87 10.30
N LEU D 161 3.36 6.77 10.29
CA LEU D 161 4.14 7.01 9.09
C LEU D 161 4.09 5.78 8.18
N PRO D 162 4.29 5.97 6.87
CA PRO D 162 4.34 4.82 5.95
C PRO D 162 5.38 3.81 6.38
N ASP D 163 5.06 2.53 6.16
CA ASP D 163 5.93 1.45 6.60
C ASP D 163 7.32 1.55 5.98
N ALA D 164 7.41 2.06 4.75
CA ALA D 164 8.69 2.15 4.06
C ALA D 164 9.65 3.14 4.72
N ARG D 165 9.16 4.02 5.59
CA ARG D 165 10.03 5.01 6.21
C ARG D 165 11.03 4.36 7.16
N HIS D 166 10.70 3.21 7.74
CA HIS D 166 11.52 2.61 8.79
C HIS D 166 11.92 1.19 8.41
N SER D 167 12.90 0.68 9.14
CA SER D 167 13.35 -0.70 9.03
C SER D 167 13.34 -1.32 10.42
N THR D 168 12.97 -2.60 10.49
CA THR D 168 12.91 -3.33 11.74
C THR D 168 13.56 -4.69 11.55
N THR D 169 14.38 -5.10 12.52
CA THR D 169 14.99 -6.41 12.46
C THR D 169 13.98 -7.49 12.84
N GLN D 170 14.28 -8.71 12.41
CA GLN D 170 13.48 -9.85 12.82
C GLN D 170 13.80 -10.21 14.28
N PRO D 171 12.82 -10.74 15.01
CA PRO D 171 13.06 -11.06 16.43
C PRO D 171 14.19 -12.06 16.59
N ARG D 172 15.06 -11.79 17.57
CA ARG D 172 16.17 -12.66 17.90
C ARG D 172 16.21 -12.87 19.41
N LYS D 173 16.73 -14.02 19.82
CA LYS D 173 16.77 -14.35 21.24
C LYS D 173 17.70 -13.42 22.01
N THR D 174 17.24 -12.98 23.17
CA THR D 174 18.10 -12.30 24.13
C THR D 174 18.97 -13.35 24.81
N LYS D 175 19.73 -12.94 25.83
CA LYS D 175 20.46 -13.90 26.64
C LYS D 175 19.56 -14.68 27.57
N GLY D 176 18.38 -14.14 27.89
CA GLY D 176 17.42 -14.83 28.74
C GLY D 176 16.36 -15.57 27.94
N SER D 177 15.09 -15.37 28.30
CA SER D 177 13.99 -16.10 27.69
C SER D 177 13.16 -15.27 26.71
N GLY D 178 13.44 -13.97 26.59
CA GLY D 178 12.69 -13.11 25.68
C GLY D 178 13.40 -12.88 24.37
N PHE D 179 12.83 -11.95 23.59
CA PHE D 179 13.33 -11.59 22.28
C PHE D 179 13.60 -10.09 22.23
N PHE D 180 14.28 -9.65 21.16
CA PHE D 180 14.51 -8.22 20.95
C PHE D 180 14.47 -7.92 19.46
N VAL D 181 14.07 -6.68 19.16
CA VAL D 181 14.15 -6.12 17.81
C VAL D 181 14.67 -4.70 17.91
N PHE D 182 15.33 -4.25 16.84
CA PHE D 182 15.74 -2.87 16.65
C PHE D 182 14.93 -2.27 15.51
N SER D 183 14.51 -1.02 15.67
CA SER D 183 13.85 -0.29 14.59
C SER D 183 14.58 1.03 14.36
N ARG D 184 14.70 1.41 13.09
CA ARG D 184 15.46 2.58 12.68
C ARG D 184 14.57 3.48 11.82
N LEU D 185 14.60 4.78 12.11
CA LEU D 185 13.80 5.76 11.37
C LEU D 185 14.61 7.03 11.15
N GLU D 186 14.93 7.32 9.90
CA GLU D 186 15.57 8.58 9.53
C GLU D 186 14.51 9.67 9.42
N VAL D 187 14.74 10.79 10.11
CA VAL D 187 13.81 11.92 10.08
C VAL D 187 14.54 13.14 9.54
N THR D 188 13.76 14.13 9.12
CA THR D 188 14.27 15.37 8.53
C THR D 188 14.02 16.55 9.47
N ARG D 189 14.77 17.63 9.24
CA ARG D 189 14.61 18.83 10.06
CA ARG D 189 14.60 18.82 10.06
C ARG D 189 13.18 19.37 9.96
N ALA D 190 12.59 19.33 8.76
CA ALA D 190 11.24 19.82 8.59
C ALA D 190 10.25 19.10 9.50
N GLU D 191 10.48 17.81 9.74
CA GLU D 191 9.54 17.03 10.54
C GLU D 191 9.64 17.38 12.02
N TRP D 192 10.86 17.40 12.58
CA TRP D 192 10.99 17.69 14.00
C TRP D 192 10.79 19.17 14.31
N GLU D 193 10.92 20.05 13.31
CA GLU D 193 10.59 21.46 13.53
C GLU D 193 9.08 21.66 13.57
N GLN D 194 8.34 20.91 12.75
CA GLN D 194 6.88 20.97 12.81
C GLN D 194 6.36 20.46 14.15
N LYS D 195 6.98 19.41 14.68
CA LYS D 195 6.59 18.83 15.97
C LYS D 195 7.72 17.92 16.42
N ASP D 196 8.41 18.29 17.50
CA ASP D 196 9.59 17.54 17.96
C ASP D 196 9.16 16.43 18.92
N GLU D 197 8.44 15.46 18.36
CA GLU D 197 8.05 14.28 19.12
C GLU D 197 7.71 13.15 18.15
N PHE D 198 8.41 12.03 18.28
CA PHE D 198 8.19 10.84 17.47
C PHE D 198 7.94 9.67 18.40
N ILE D 199 7.05 8.77 18.00
CA ILE D 199 6.59 7.69 18.85
CA ILE D 199 6.56 7.68 18.84
C ILE D 199 6.96 6.36 18.21
N CYS D 200 7.66 5.52 18.99
CA CYS D 200 7.90 4.14 18.63
C CYS D 200 6.85 3.30 19.35
N ARG D 201 6.01 2.60 18.59
CA ARG D 201 4.88 1.88 19.14
C ARG D 201 4.98 0.40 18.76
N ALA D 202 4.77 -0.48 19.75
CA ALA D 202 4.78 -1.91 19.53
C ALA D 202 3.41 -2.49 19.81
N VAL D 203 2.98 -3.41 18.96
CA VAL D 203 1.76 -4.18 19.17
C VAL D 203 2.18 -5.60 19.53
N HIS D 204 1.74 -6.07 20.69
CA HIS D 204 2.12 -7.38 21.19
C HIS D 204 1.00 -7.90 22.08
N GLU D 205 0.76 -9.22 22.00
CA GLU D 205 -0.40 -9.80 22.69
C GLU D 205 -0.32 -9.60 24.20
N ALA D 206 0.88 -9.58 24.76
CA ALA D 206 1.04 -9.45 26.20
C ALA D 206 1.01 -8.01 26.69
N ALA D 207 1.11 -7.03 25.79
CA ALA D 207 1.09 -5.64 26.20
C ALA D 207 -0.28 -5.27 26.75
N SER D 208 -0.29 -4.49 27.82
CA SER D 208 -1.53 -4.11 28.47
CA SER D 208 -1.53 -4.11 28.47
C SER D 208 -1.48 -2.64 28.92
N PRO D 209 -2.59 -1.90 28.70
CA PRO D 209 -3.79 -2.39 28.03
C PRO D 209 -3.71 -2.23 26.51
N SER D 210 -4.71 -2.74 25.81
CA SER D 210 -4.92 -2.54 24.37
C SER D 210 -3.87 -3.24 23.51
N GLN D 211 -3.06 -4.14 24.08
CA GLN D 211 -2.02 -4.87 23.34
C GLN D 211 -1.02 -3.94 22.67
N THR D 212 -0.79 -2.77 23.27
CA THR D 212 0.10 -1.77 22.69
CA THR D 212 0.08 -1.75 22.69
C THR D 212 0.92 -1.12 23.80
N VAL D 213 2.17 -0.82 23.48
CA VAL D 213 3.08 -0.11 24.36
C VAL D 213 3.95 0.79 23.50
N GLN D 214 4.24 2.00 23.98
CA GLN D 214 4.91 2.99 23.15
C GLN D 214 5.80 3.88 24.00
N ARG D 215 6.76 4.53 23.33
CA ARG D 215 7.65 5.50 23.94
C ARG D 215 7.88 6.64 22.96
N ALA D 216 7.89 7.87 23.49
CA ALA D 216 8.16 9.06 22.71
C ALA D 216 9.63 9.44 22.82
N VAL D 217 10.11 10.15 21.80
CA VAL D 217 11.48 10.65 21.80
C VAL D 217 11.51 11.95 21.01
N SER D 218 12.33 12.89 21.45
CA SER D 218 12.49 14.18 20.80
C SER D 218 13.92 14.34 20.30
N VAL D 219 14.07 15.11 19.22
CA VAL D 219 15.40 15.36 18.68
C VAL D 219 16.16 16.36 19.55
N ASN D 220 15.45 17.34 20.11
CA ASN D 220 16.05 18.42 20.90
C ASN D 220 17.10 19.19 20.10
#